data_1KXV
#
_entry.id   1KXV
#
_cell.length_a   57.568
_cell.length_b   60.990
_cell.length_c   107.333
_cell.angle_alpha   98.78
_cell.angle_beta   100.88
_cell.angle_gamma   101.14
#
_symmetry.space_group_name_H-M   'P 1'
#
loop_
_entity.id
_entity.type
_entity.pdbx_description
1 polymer 'ALPHA-AMYLASE, PANCREATIC'
2 polymer 'CAMELID VHH DOMAIN CAB10'
3 water water
#
loop_
_entity_poly.entity_id
_entity_poly.type
_entity_poly.pdbx_seq_one_letter_code
_entity_poly.pdbx_strand_id
1 'polypeptide(L)'
;QYAPQTQSGRTSIVHLFEWRWVDIALECERYLGPKGFGGVQVSPPNENIVVTNPSRPWWERYQPVSYKLCTRSGNENEFR
DMVTRCNNVGVRIYVDAVINHMCGSGAAAGTGTTCGSYCNPGSREFPAVPYSAWDFNDGKCKTASGGIESYNDPYQVRDC
QLVGLLDLALEKDYVRSMIADYLNKLIDIGVAGFRIDASKHMWPGDIKAVLDKLHNLNTNWFPAGSRPFIFQEVIDLGGE
AIKSSEYFGNGRVTEFKYGAKLGTVVRKWSGEKMSYLKNWGEGWGFMPSDRALVFVDNHDNQRGHGAGGSSILTFWDARL
YKIAVGFMLAHPYGFTRVMSSYRWARNFVNGEDVNDWIGPPNNNGVIKEVTINADTTCGNDWVCEHRWREIRNMVWFRNV
VDGQPFANWWDNGSNQVAFGRGNRGFIVFNNDDWQLSSTLQTGLPGGTYCDVISGDKVGNSCTGIKVYVSSDGTAQFSIS
NSAEDPFIAIHAESKL
;
A,B
2 'polypeptide(L)'
;QVQLVESGGGTVPAGGSLRLSCAASGNTLCTYDMSWYRRAPGKGRDFVSGIDNDGTTTYVDSVAGRFTISQGNAKNTAYL
QMDSLKPDDTAMYYCKPSLRYGLPGCPIIPWGQGTQVTVSS
;
C,D
#
# COMPACT_ATOMS: atom_id res chain seq x y z
N GLN A 1 10.85 -30.02 -1.97
CA GLN A 1 11.97 -29.15 -1.52
C GLN A 1 12.98 -29.25 -2.63
N TYR A 2 14.19 -29.69 -2.35
CA TYR A 2 15.18 -29.81 -3.41
C TYR A 2 15.20 -31.19 -4.07
N ALA A 3 14.71 -32.21 -3.33
CA ALA A 3 14.69 -33.58 -3.85
C ALA A 3 13.54 -33.74 -4.82
N PRO A 4 13.81 -34.31 -6.02
CA PRO A 4 12.73 -34.47 -7.01
C PRO A 4 11.58 -35.39 -6.63
N GLN A 5 11.88 -36.36 -5.78
CA GLN A 5 10.88 -37.34 -5.30
C GLN A 5 10.46 -38.29 -6.42
N THR A 6 11.32 -38.46 -7.40
CA THR A 6 11.06 -39.48 -8.44
C THR A 6 11.33 -40.83 -7.77
N GLN A 7 10.84 -41.91 -8.39
CA GLN A 7 11.17 -43.26 -7.92
C GLN A 7 12.73 -43.42 -8.00
N SER A 8 13.30 -44.13 -7.03
CA SER A 8 14.73 -44.29 -7.00
C SER A 8 15.36 -44.74 -8.33
N GLY A 9 16.39 -44.01 -8.77
CA GLY A 9 17.04 -44.37 -9.99
C GLY A 9 16.46 -43.72 -11.23
N ARG A 10 15.43 -42.88 -11.10
CA ARG A 10 14.86 -42.18 -12.29
C ARG A 10 15.33 -40.72 -12.11
N THR A 11 15.89 -40.13 -13.19
CA THR A 11 16.60 -38.86 -13.08
C THR A 11 16.20 -37.69 -13.96
N SER A 12 15.11 -37.80 -14.72
CA SER A 12 14.65 -36.68 -15.54
C SER A 12 13.15 -36.50 -15.51
N ILE A 13 12.70 -35.30 -15.86
CA ILE A 13 11.26 -35.07 -16.07
C ILE A 13 11.08 -34.58 -17.51
N VAL A 14 9.88 -34.74 -18.06
CA VAL A 14 9.58 -34.28 -19.44
C VAL A 14 8.37 -33.34 -19.36
N HIS A 15 8.46 -32.20 -20.07
CA HIS A 15 7.32 -31.27 -20.12
C HIS A 15 6.41 -31.70 -21.29
N LEU A 16 5.24 -32.29 -20.99
CA LEU A 16 4.32 -32.64 -22.11
C LEU A 16 3.40 -31.42 -22.29
N PHE A 17 3.95 -30.44 -23.02
CA PHE A 17 3.33 -29.13 -23.19
C PHE A 17 1.94 -29.22 -23.90
N GLU A 18 0.90 -28.73 -23.20
CA GLU A 18 -0.49 -28.67 -23.67
C GLU A 18 -1.13 -30.04 -23.91
N TRP A 19 -0.50 -31.14 -23.46
CA TRP A 19 -1.13 -32.44 -23.65
C TRP A 19 -2.39 -32.59 -22.76
N ARG A 20 -3.37 -33.38 -23.24
CA ARG A 20 -4.55 -33.64 -22.43
C ARG A 20 -4.22 -34.75 -21.40
N TRP A 21 -4.97 -34.75 -20.30
CA TRP A 21 -4.71 -35.67 -19.22
C TRP A 21 -4.84 -37.13 -19.62
N VAL A 22 -5.84 -37.45 -20.43
CA VAL A 22 -6.04 -38.85 -20.82
C VAL A 22 -4.85 -39.37 -21.65
N ASP A 23 -4.30 -38.49 -22.51
CA ASP A 23 -3.13 -38.85 -23.32
C ASP A 23 -1.89 -39.02 -22.45
N ILE A 24 -1.75 -38.17 -21.45
CA ILE A 24 -0.59 -38.32 -20.55
C ILE A 24 -0.69 -39.65 -19.78
N ALA A 25 -1.91 -40.03 -19.33
CA ALA A 25 -2.06 -41.26 -18.56
C ALA A 25 -1.65 -42.45 -19.44
N LEU A 26 -2.11 -42.44 -20.70
CA LEU A 26 -1.76 -43.52 -21.59
C LEU A 26 -0.26 -43.56 -21.83
N GLU A 27 0.33 -42.37 -22.01
CA GLU A 27 1.74 -42.28 -22.29
C GLU A 27 2.58 -42.82 -21.11
N CYS A 28 2.12 -42.61 -19.87
CA CYS A 28 2.85 -43.13 -18.70
C CYS A 28 2.91 -44.65 -18.79
N GLU A 29 1.75 -45.26 -19.06
CA GLU A 29 1.65 -46.72 -19.14
C GLU A 29 2.39 -47.38 -20.29
N ARG A 30 2.23 -46.84 -21.49
CA ARG A 30 2.82 -47.47 -22.68
C ARG A 30 4.26 -47.09 -22.98
N TYR A 31 4.74 -46.01 -22.35
CA TYR A 31 6.06 -45.49 -22.69
C TYR A 31 6.89 -44.92 -21.56
N LEU A 32 6.39 -43.88 -20.88
CA LEU A 32 7.27 -43.24 -19.86
C LEU A 32 7.69 -44.14 -18.71
N GLY A 33 6.77 -44.99 -18.24
CA GLY A 33 7.09 -45.90 -17.13
C GLY A 33 8.18 -46.90 -17.59
N PRO A 34 7.91 -47.67 -18.67
CA PRO A 34 8.92 -48.65 -19.15
C PRO A 34 10.26 -48.07 -19.57
N LYS A 35 10.24 -46.83 -20.09
CA LYS A 35 11.45 -46.21 -20.57
C LYS A 35 12.21 -45.42 -19.50
N GLY A 36 11.77 -45.52 -18.24
CA GLY A 36 12.57 -44.93 -17.18
C GLY A 36 12.48 -43.47 -16.91
N PHE A 37 11.45 -42.79 -17.44
CA PHE A 37 11.29 -41.37 -17.21
C PHE A 37 10.85 -41.13 -15.77
N GLY A 38 11.40 -40.09 -15.14
CA GLY A 38 11.06 -39.80 -13.74
C GLY A 38 9.73 -39.14 -13.54
N GLY A 39 9.31 -38.29 -14.47
CA GLY A 39 8.04 -37.58 -14.23
C GLY A 39 7.66 -36.70 -15.36
N VAL A 40 6.52 -36.08 -15.22
CA VAL A 40 5.98 -35.24 -16.28
C VAL A 40 5.60 -33.90 -15.70
N GLN A 41 6.04 -32.80 -16.32
CA GLN A 41 5.58 -31.45 -15.95
C GLN A 41 4.34 -31.24 -16.80
N VAL A 42 3.21 -30.95 -16.16
CA VAL A 42 1.96 -30.70 -16.90
C VAL A 42 1.64 -29.23 -17.06
N SER A 43 0.87 -28.88 -18.11
CA SER A 43 0.44 -27.49 -18.28
C SER A 43 -0.49 -27.12 -17.09
N PRO A 44 -0.70 -25.83 -16.81
CA PRO A 44 -1.55 -25.41 -15.68
C PRO A 44 -2.87 -26.17 -15.66
N PRO A 45 -3.22 -26.81 -14.52
CA PRO A 45 -4.47 -27.56 -14.49
C PRO A 45 -5.66 -26.79 -14.03
N ASN A 46 -5.43 -25.53 -13.67
CA ASN A 46 -6.54 -24.72 -13.17
C ASN A 46 -7.24 -23.93 -14.27
N GLU A 47 -8.51 -23.61 -14.01
CA GLU A 47 -9.36 -22.87 -14.98
C GLU A 47 -8.76 -21.55 -15.43
N ASN A 48 -8.81 -21.27 -16.74
CA ASN A 48 -8.25 -20.04 -17.29
C ASN A 48 -9.27 -19.27 -18.16
N ILE A 49 -8.95 -18.05 -18.50
CA ILE A 49 -9.82 -17.24 -19.38
C ILE A 49 -9.68 -17.74 -20.83
N VAL A 50 -10.76 -17.63 -21.61
CA VAL A 50 -10.72 -18.04 -23.00
C VAL A 50 -10.34 -16.78 -23.81
N VAL A 51 -9.24 -16.86 -24.57
CA VAL A 51 -8.84 -15.73 -25.39
C VAL A 51 -9.27 -16.08 -26.81
N THR A 52 -10.07 -15.19 -27.40
CA THR A 52 -10.57 -15.43 -28.75
C THR A 52 -9.83 -14.59 -29.77
N ASN A 53 -9.14 -13.54 -29.32
CA ASN A 53 -8.32 -12.69 -30.22
C ASN A 53 -6.89 -12.58 -29.67
N PRO A 54 -5.93 -13.36 -30.21
CA PRO A 54 -6.02 -14.36 -31.28
C PRO A 54 -6.76 -15.59 -30.79
N SER A 55 -6.99 -16.54 -31.69
CA SER A 55 -7.76 -17.73 -31.35
C SER A 55 -7.11 -18.83 -30.54
N ARG A 56 -7.47 -18.86 -29.27
CA ARG A 56 -6.98 -19.87 -28.28
C ARG A 56 -5.43 -20.05 -28.23
N PRO A 57 -4.68 -18.99 -27.92
CA PRO A 57 -3.21 -19.04 -27.85
C PRO A 57 -2.76 -19.96 -26.71
N TRP A 58 -1.53 -20.49 -26.78
CA TRP A 58 -1.08 -21.33 -25.68
C TRP A 58 -1.02 -20.47 -24.42
N TRP A 59 -0.72 -19.18 -24.57
CA TRP A 59 -0.61 -18.33 -23.38
C TRP A 59 -1.89 -17.99 -22.61
N GLU A 60 -3.06 -18.37 -23.14
CA GLU A 60 -4.25 -18.12 -22.30
C GLU A 60 -4.19 -18.98 -21.00
N ARG A 61 -3.40 -20.07 -20.98
CA ARG A 61 -3.30 -20.95 -19.83
C ARG A 61 -2.55 -20.33 -18.67
N TYR A 62 -1.93 -19.20 -18.92
CA TYR A 62 -1.23 -18.51 -17.84
C TYR A 62 -2.05 -17.33 -17.31
N GLN A 63 -3.38 -17.40 -17.50
CA GLN A 63 -4.29 -16.31 -17.06
C GLN A 63 -5.42 -17.00 -16.26
N PRO A 64 -5.17 -17.32 -15.02
CA PRO A 64 -6.17 -18.00 -14.16
C PRO A 64 -7.44 -17.22 -13.88
N VAL A 65 -8.56 -17.96 -13.78
CA VAL A 65 -9.83 -17.33 -13.36
C VAL A 65 -10.39 -18.03 -12.09
N SER A 66 -9.89 -19.23 -11.77
CA SER A 66 -10.24 -19.93 -10.53
C SER A 66 -9.22 -21.04 -10.31
N TYR A 67 -9.39 -21.82 -9.24
CA TYR A 67 -8.51 -22.95 -9.01
C TYR A 67 -9.24 -24.27 -9.28
N LYS A 68 -10.39 -24.20 -10.00
CA LYS A 68 -11.10 -25.46 -10.34
C LYS A 68 -10.20 -26.16 -11.36
N LEU A 69 -10.16 -27.49 -11.30
CA LEU A 69 -9.29 -28.30 -12.17
C LEU A 69 -10.03 -28.67 -13.47
N CYS A 70 -10.24 -27.66 -14.28
CA CYS A 70 -11.05 -27.78 -15.50
C CYS A 70 -10.51 -26.91 -16.63
N THR A 71 -9.85 -27.54 -17.62
CA THR A 71 -9.16 -26.84 -18.72
C THR A 71 -9.32 -27.61 -20.01
N ARG A 72 -8.70 -27.12 -21.08
CA ARG A 72 -8.74 -27.84 -22.33
C ARG A 72 -8.02 -29.20 -22.21
N SER A 73 -7.21 -29.39 -21.17
CA SER A 73 -6.54 -30.70 -20.99
C SER A 73 -7.48 -31.74 -20.37
N GLY A 74 -8.54 -31.28 -19.72
CA GLY A 74 -9.49 -32.19 -19.09
C GLY A 74 -10.07 -31.69 -17.79
N ASN A 75 -10.96 -32.50 -17.23
CA ASN A 75 -11.62 -32.12 -15.97
C ASN A 75 -10.97 -32.77 -14.77
N GLU A 76 -11.53 -32.53 -13.58
CA GLU A 76 -10.89 -33.07 -12.37
C GLU A 76 -10.83 -34.56 -12.28
N ASN A 77 -11.88 -35.22 -12.73
CA ASN A 77 -11.83 -36.67 -12.69
C ASN A 77 -10.72 -37.21 -13.64
N GLU A 78 -10.58 -36.63 -14.84
CA GLU A 78 -9.53 -37.07 -15.76
C GLU A 78 -8.13 -36.74 -15.18
N PHE A 79 -8.02 -35.58 -14.50
CA PHE A 79 -6.72 -35.20 -13.89
C PHE A 79 -6.37 -36.24 -12.78
N ARG A 80 -7.31 -36.54 -11.90
CA ARG A 80 -7.04 -37.52 -10.89
C ARG A 80 -6.69 -38.90 -11.49
N ASP A 81 -7.42 -39.34 -12.52
CA ASP A 81 -7.11 -40.62 -13.16
C ASP A 81 -5.64 -40.63 -13.69
N MET A 82 -5.22 -39.52 -14.30
CA MET A 82 -3.85 -39.39 -14.82
C MET A 82 -2.82 -39.51 -13.66
N VAL A 83 -3.03 -38.74 -12.59
CA VAL A 83 -2.01 -38.78 -11.51
C VAL A 83 -1.87 -40.19 -10.91
N THR A 84 -3.00 -40.87 -10.75
CA THR A 84 -2.96 -42.23 -10.21
C THR A 84 -2.28 -43.24 -11.13
N ARG A 85 -2.71 -43.23 -12.39
CA ARG A 85 -2.14 -44.14 -13.37
C ARG A 85 -0.66 -43.94 -13.57
N CYS A 86 -0.21 -42.68 -13.55
CA CYS A 86 1.21 -42.43 -13.73
C CYS A 86 2.00 -42.85 -12.47
N ASN A 87 1.54 -42.46 -11.28
CA ASN A 87 2.26 -42.85 -10.06
C ASN A 87 2.36 -44.39 -9.99
N ASN A 88 1.32 -45.05 -10.46
CA ASN A 88 1.34 -46.52 -10.40
C ASN A 88 2.33 -47.22 -11.28
N VAL A 89 2.90 -46.51 -12.27
CA VAL A 89 3.92 -47.10 -13.10
C VAL A 89 5.26 -46.41 -12.86
N GLY A 90 5.35 -45.72 -11.72
CA GLY A 90 6.60 -45.06 -11.36
C GLY A 90 6.94 -43.73 -12.02
N VAL A 91 5.94 -43.02 -12.52
CA VAL A 91 6.12 -41.72 -13.19
C VAL A 91 5.36 -40.67 -12.38
N ARG A 92 6.10 -39.65 -11.89
CA ARG A 92 5.49 -38.63 -11.00
C ARG A 92 4.88 -37.51 -11.87
N ILE A 93 3.99 -36.74 -11.26
CA ILE A 93 3.38 -35.59 -11.93
C ILE A 93 3.80 -34.31 -11.17
N TYR A 94 4.27 -33.31 -11.93
CA TYR A 94 4.66 -31.97 -11.36
C TYR A 94 3.75 -30.94 -12.04
N VAL A 95 3.15 -30.09 -11.20
CA VAL A 95 2.18 -29.12 -11.71
C VAL A 95 2.77 -27.71 -11.93
N ASP A 96 2.44 -27.10 -13.07
CA ASP A 96 2.84 -25.71 -13.38
C ASP A 96 1.83 -24.86 -12.57
N ALA A 97 2.31 -24.27 -11.48
CA ALA A 97 1.48 -23.49 -10.55
C ALA A 97 1.53 -21.99 -10.91
N VAL A 98 0.41 -21.46 -11.39
CA VAL A 98 0.35 -20.07 -11.77
C VAL A 98 -0.31 -19.32 -10.61
N ILE A 99 0.53 -18.75 -9.75
CA ILE A 99 0.09 -18.12 -8.51
C ILE A 99 0.40 -16.66 -8.36
N ASN A 100 1.17 -16.08 -9.26
CA ASN A 100 1.48 -14.66 -9.16
C ASN A 100 0.29 -13.73 -9.54
N HIS A 101 -0.62 -14.20 -10.40
CA HIS A 101 -1.62 -13.30 -10.94
C HIS A 101 -2.83 -14.05 -11.34
N MET A 102 -3.88 -13.31 -11.68
CA MET A 102 -5.09 -13.92 -12.28
C MET A 102 -5.05 -13.50 -13.76
N CYS A 103 -6.19 -13.37 -14.43
CA CYS A 103 -6.15 -13.02 -15.86
C CYS A 103 -5.88 -11.55 -16.21
N GLY A 104 -5.83 -11.25 -17.52
CA GLY A 104 -5.59 -9.88 -17.95
C GLY A 104 -6.59 -8.84 -17.40
N SER A 105 -6.09 -7.70 -16.93
CA SER A 105 -6.94 -6.65 -16.40
C SER A 105 -7.92 -6.13 -17.45
N GLY A 106 -7.56 -6.31 -18.72
CA GLY A 106 -8.46 -5.86 -19.79
C GLY A 106 -9.43 -6.88 -20.35
N ALA A 107 -9.47 -8.09 -19.79
CA ALA A 107 -10.40 -9.13 -20.31
C ALA A 107 -11.83 -8.77 -19.95
N ALA A 108 -12.77 -9.11 -20.83
CA ALA A 108 -14.19 -8.79 -20.57
C ALA A 108 -14.85 -9.66 -19.49
N ALA A 109 -15.80 -9.05 -18.77
CA ALA A 109 -16.51 -9.75 -17.69
C ALA A 109 -17.48 -10.74 -18.26
N GLY A 110 -17.71 -11.82 -17.54
CA GLY A 110 -18.62 -12.86 -17.99
C GLY A 110 -18.15 -14.29 -17.72
N THR A 111 -18.69 -15.25 -18.47
CA THR A 111 -18.36 -16.68 -18.31
C THR A 111 -17.52 -17.29 -19.46
N GLY A 112 -16.76 -16.44 -20.17
CA GLY A 112 -15.84 -16.87 -21.24
C GLY A 112 -14.58 -17.45 -20.58
N THR A 113 -14.77 -18.60 -19.94
CA THR A 113 -13.75 -19.30 -19.14
C THR A 113 -13.79 -20.80 -19.41
N THR A 114 -12.70 -21.52 -19.12
CA THR A 114 -12.71 -22.95 -19.41
C THR A 114 -13.64 -23.87 -18.63
N CYS A 115 -14.20 -23.41 -17.50
CA CYS A 115 -15.16 -24.22 -16.76
C CYS A 115 -16.47 -23.44 -16.68
N GLY A 116 -16.54 -22.29 -17.34
CA GLY A 116 -17.77 -21.50 -17.28
C GLY A 116 -17.96 -20.67 -16.00
N SER A 117 -16.91 -20.48 -15.21
CA SER A 117 -17.01 -19.66 -14.01
C SER A 117 -17.17 -18.21 -14.43
N TYR A 118 -17.78 -17.40 -13.58
CA TYR A 118 -17.90 -16.00 -13.87
C TYR A 118 -16.72 -15.21 -13.30
N CYS A 119 -16.31 -14.16 -13.99
CA CYS A 119 -15.34 -13.26 -13.42
C CYS A 119 -15.55 -11.89 -14.01
N ASN A 120 -15.07 -10.88 -13.29
CA ASN A 120 -15.14 -9.51 -13.72
C ASN A 120 -13.77 -8.91 -13.50
N PRO A 121 -12.85 -9.15 -14.44
CA PRO A 121 -11.46 -8.67 -14.37
C PRO A 121 -11.35 -7.14 -14.11
N GLY A 122 -12.17 -6.36 -14.81
CA GLY A 122 -12.15 -4.92 -14.60
C GLY A 122 -12.45 -4.52 -13.17
N SER A 123 -13.30 -5.26 -12.49
CA SER A 123 -13.60 -4.92 -11.11
C SER A 123 -12.89 -5.85 -10.12
N ARG A 124 -11.85 -6.54 -10.58
CA ARG A 124 -11.10 -7.46 -9.72
C ARG A 124 -11.96 -8.50 -9.02
N GLU A 125 -13.00 -8.98 -9.69
CA GLU A 125 -13.91 -9.96 -9.09
C GLU A 125 -13.71 -11.38 -9.61
N PHE A 126 -13.42 -12.31 -8.72
CA PHE A 126 -13.21 -13.71 -9.09
C PHE A 126 -13.95 -14.51 -8.04
N PRO A 127 -15.30 -14.56 -8.17
CA PRO A 127 -16.08 -15.29 -7.17
C PRO A 127 -15.86 -16.79 -6.98
N ALA A 128 -15.32 -17.46 -7.99
CA ALA A 128 -15.07 -18.90 -7.89
C ALA A 128 -13.90 -19.27 -6.97
N VAL A 129 -13.14 -18.26 -6.54
CA VAL A 129 -12.01 -18.53 -5.64
C VAL A 129 -12.42 -18.57 -4.14
N PRO A 130 -12.91 -17.45 -3.55
CA PRO A 130 -13.11 -16.12 -4.12
C PRO A 130 -12.00 -15.05 -3.88
N TYR A 131 -11.86 -14.13 -4.83
CA TYR A 131 -10.93 -12.99 -4.69
C TYR A 131 -11.71 -11.71 -5.04
N SER A 132 -11.30 -10.60 -4.43
CA SER A 132 -11.88 -9.27 -4.69
C SER A 132 -10.79 -8.22 -4.77
N ALA A 133 -11.18 -6.97 -5.05
CA ALA A 133 -10.21 -5.90 -5.20
C ALA A 133 -9.08 -5.78 -4.21
N TRP A 134 -9.34 -6.00 -2.93
CA TRP A 134 -8.32 -5.86 -1.90
C TRP A 134 -7.28 -6.99 -1.92
N ASP A 135 -7.51 -8.00 -2.75
CA ASP A 135 -6.61 -9.14 -2.89
C ASP A 135 -5.59 -8.95 -3.97
N PHE A 136 -5.55 -7.76 -4.59
CA PHE A 136 -4.61 -7.43 -5.67
C PHE A 136 -3.68 -6.24 -5.31
N ASN A 137 -2.63 -6.06 -6.10
CA ASN A 137 -1.62 -5.02 -5.84
C ASN A 137 -1.80 -3.62 -6.44
N ASP A 138 -2.94 -3.32 -7.01
CA ASP A 138 -3.10 -2.03 -7.63
C ASP A 138 -2.66 -0.84 -6.77
N GLY A 139 -2.89 -0.94 -5.45
CA GLY A 139 -2.49 0.13 -4.56
C GLY A 139 -1.01 0.27 -4.29
N LYS A 140 -0.22 -0.78 -4.58
CA LYS A 140 1.24 -0.76 -4.36
C LYS A 140 2.10 -0.30 -5.51
N CYS A 141 1.63 -0.50 -6.75
CA CYS A 141 2.45 -0.19 -7.89
C CYS A 141 2.75 1.30 -8.04
N LYS A 142 4.05 1.60 -8.01
CA LYS A 142 4.50 2.99 -8.10
C LYS A 142 4.64 3.51 -9.52
N THR A 143 4.23 2.73 -10.51
CA THR A 143 4.37 3.20 -11.89
C THR A 143 3.11 3.85 -12.33
N ALA A 144 3.21 4.57 -13.44
CA ALA A 144 2.11 5.32 -14.03
C ALA A 144 1.24 4.51 -14.97
N SER A 145 1.81 3.48 -15.60
CA SER A 145 1.04 2.62 -16.50
C SER A 145 0.44 1.44 -15.75
N GLY A 146 0.88 1.25 -14.50
CA GLY A 146 0.41 0.14 -13.69
C GLY A 146 1.19 -1.12 -14.06
N GLY A 147 2.07 -0.98 -15.07
CA GLY A 147 2.89 -2.09 -15.52
C GLY A 147 4.35 -1.96 -15.11
N ILE A 148 5.15 -2.96 -15.45
CA ILE A 148 6.58 -2.96 -15.13
C ILE A 148 7.27 -2.12 -16.17
N GLU A 149 7.95 -1.08 -15.73
CA GLU A 149 8.64 -0.19 -16.67
C GLU A 149 10.16 -0.33 -16.64
N SER A 150 10.69 -0.89 -15.55
CA SER A 150 12.14 -1.12 -15.44
C SER A 150 12.48 -2.37 -14.63
N TYR A 151 13.25 -3.29 -15.22
CA TYR A 151 13.63 -4.51 -14.52
C TYR A 151 14.84 -4.24 -13.62
N ASN A 152 15.21 -2.98 -13.47
CA ASN A 152 16.26 -2.72 -12.53
C ASN A 152 15.64 -2.21 -11.25
N ASP A 153 14.29 -2.26 -11.20
CA ASP A 153 13.60 -1.89 -9.98
C ASP A 153 12.80 -3.09 -9.48
N PRO A 154 13.35 -3.81 -8.48
CA PRO A 154 12.64 -4.97 -7.95
C PRO A 154 11.22 -4.69 -7.46
N TYR A 155 10.95 -3.51 -6.90
CA TYR A 155 9.59 -3.26 -6.48
C TYR A 155 8.61 -3.24 -7.64
N GLN A 156 8.98 -2.73 -8.81
CA GLN A 156 7.96 -2.79 -9.86
C GLN A 156 7.84 -4.19 -10.45
N VAL A 157 8.95 -4.90 -10.49
CA VAL A 157 8.90 -6.25 -11.04
C VAL A 157 7.99 -7.15 -10.20
N ARG A 158 7.94 -6.93 -8.89
CA ARG A 158 7.14 -7.76 -7.98
C ARG A 158 5.69 -7.27 -7.74
N ASP A 159 5.50 -5.95 -7.76
CA ASP A 159 4.22 -5.34 -7.41
C ASP A 159 3.37 -4.82 -8.56
N CYS A 160 3.97 -4.62 -9.72
CA CYS A 160 3.22 -4.13 -10.86
C CYS A 160 2.74 -5.28 -11.73
N GLN A 161 1.94 -4.98 -12.74
CA GLN A 161 1.40 -6.04 -13.58
C GLN A 161 2.35 -6.51 -14.67
N LEU A 162 2.49 -7.83 -14.75
CA LEU A 162 3.29 -8.51 -15.76
C LEU A 162 2.35 -8.63 -16.97
N VAL A 163 2.73 -7.97 -18.07
CA VAL A 163 1.95 -7.95 -19.32
C VAL A 163 0.46 -7.74 -19.10
N GLY A 164 0.12 -6.84 -18.17
CA GLY A 164 -1.27 -6.54 -17.93
C GLY A 164 -2.07 -7.51 -17.10
N LEU A 165 -1.42 -8.51 -16.50
CA LEU A 165 -2.08 -9.52 -15.67
C LEU A 165 -2.34 -8.98 -14.23
N LEU A 166 -3.54 -9.18 -13.70
CA LEU A 166 -3.90 -8.70 -12.36
C LEU A 166 -2.96 -9.35 -11.35
N ASP A 167 -2.20 -8.52 -10.65
CA ASP A 167 -1.18 -9.02 -9.74
C ASP A 167 -1.67 -9.28 -8.32
N LEU A 168 -1.60 -10.53 -7.86
CA LEU A 168 -2.10 -10.88 -6.54
C LEU A 168 -1.28 -10.32 -5.36
N ALA A 169 -1.98 -9.92 -4.31
CA ALA A 169 -1.29 -9.36 -3.11
C ALA A 169 -0.80 -10.53 -2.27
N LEU A 170 0.37 -11.05 -2.66
CA LEU A 170 0.96 -12.21 -2.03
C LEU A 170 1.43 -12.06 -0.60
N GLU A 171 1.41 -10.85 -0.04
CA GLU A 171 1.79 -10.69 1.36
C GLU A 171 0.60 -11.00 2.26
N LYS A 172 -0.60 -11.08 1.68
CA LYS A 172 -1.78 -11.32 2.54
C LYS A 172 -2.01 -12.79 2.91
N ASP A 173 -2.22 -13.08 4.19
CA ASP A 173 -2.48 -14.45 4.54
C ASP A 173 -3.70 -15.03 3.85
N TYR A 174 -4.71 -14.22 3.58
CA TYR A 174 -5.92 -14.80 2.92
C TYR A 174 -5.52 -15.33 1.54
N VAL A 175 -4.72 -14.53 0.82
CA VAL A 175 -4.32 -14.93 -0.51
C VAL A 175 -3.36 -16.12 -0.46
N ARG A 176 -2.38 -16.05 0.44
CA ARG A 176 -1.40 -17.13 0.64
C ARG A 176 -2.17 -18.44 0.95
N SER A 177 -3.28 -18.32 1.67
CA SER A 177 -4.06 -19.50 2.04
C SER A 177 -4.93 -20.07 0.92
N MET A 178 -5.43 -19.21 0.03
CA MET A 178 -6.22 -19.73 -1.06
C MET A 178 -5.30 -20.48 -2.00
N ILE A 179 -4.11 -19.93 -2.21
CA ILE A 179 -3.13 -20.61 -3.07
C ILE A 179 -2.70 -21.93 -2.42
N ALA A 180 -2.44 -21.93 -1.10
CA ALA A 180 -2.03 -23.19 -0.48
C ALA A 180 -3.14 -24.27 -0.49
N ASP A 181 -4.40 -23.88 -0.39
CA ASP A 181 -5.48 -24.89 -0.40
C ASP A 181 -5.49 -25.56 -1.79
N TYR A 182 -5.26 -24.76 -2.83
CA TYR A 182 -5.19 -25.33 -4.18
C TYR A 182 -3.99 -26.30 -4.28
N LEU A 183 -2.79 -25.86 -3.90
CA LEU A 183 -1.66 -26.75 -3.99
C LEU A 183 -1.81 -28.01 -3.10
N ASN A 184 -2.42 -27.85 -1.92
CA ASN A 184 -2.61 -28.99 -1.04
C ASN A 184 -3.63 -29.98 -1.63
N LYS A 185 -4.62 -29.48 -2.38
CA LYS A 185 -5.60 -30.38 -3.04
C LYS A 185 -4.82 -31.21 -4.07
N LEU A 186 -3.94 -30.58 -4.84
CA LEU A 186 -3.14 -31.33 -5.77
C LEU A 186 -2.24 -32.36 -5.06
N ILE A 187 -1.60 -32.00 -3.93
CA ILE A 187 -0.77 -32.94 -3.20
C ILE A 187 -1.63 -34.14 -2.77
N ASP A 188 -2.85 -33.87 -2.29
CA ASP A 188 -3.73 -34.97 -1.89
C ASP A 188 -4.05 -35.89 -3.07
N ILE A 189 -4.18 -35.33 -4.26
CA ILE A 189 -4.41 -36.13 -5.49
C ILE A 189 -3.23 -37.03 -5.85
N GLY A 190 -2.02 -36.61 -5.43
CA GLY A 190 -0.84 -37.39 -5.64
C GLY A 190 0.28 -36.74 -6.41
N VAL A 191 0.18 -35.43 -6.64
CA VAL A 191 1.24 -34.70 -7.37
C VAL A 191 2.50 -34.71 -6.51
N ALA A 192 3.69 -34.67 -7.15
CA ALA A 192 4.98 -34.78 -6.41
C ALA A 192 5.65 -33.43 -6.18
N GLY A 193 5.14 -32.44 -6.86
CA GLY A 193 5.83 -31.13 -6.74
C GLY A 193 5.33 -30.12 -7.74
N PHE A 194 6.00 -28.96 -7.79
CA PHE A 194 5.48 -27.86 -8.58
C PHE A 194 6.57 -26.98 -9.20
N ARG A 195 6.23 -26.45 -10.37
CA ARG A 195 7.00 -25.41 -11.05
C ARG A 195 6.27 -24.14 -10.57
N ILE A 196 6.98 -23.21 -9.90
CA ILE A 196 6.32 -22.00 -9.47
C ILE A 196 6.53 -20.96 -10.61
N ASP A 197 5.49 -20.77 -11.40
CA ASP A 197 5.54 -19.81 -12.51
C ASP A 197 5.82 -18.37 -12.05
N ALA A 198 6.58 -17.67 -12.90
CA ALA A 198 6.86 -16.24 -12.75
C ALA A 198 7.36 -15.87 -11.37
N SER A 199 8.27 -16.69 -10.85
CA SER A 199 8.84 -16.47 -9.51
C SER A 199 9.58 -15.15 -9.29
N LYS A 200 10.19 -14.64 -10.36
CA LYS A 200 10.90 -13.35 -10.24
C LYS A 200 9.91 -12.23 -9.89
N HIS A 201 8.64 -12.43 -10.22
CA HIS A 201 7.60 -11.42 -9.96
C HIS A 201 6.94 -11.53 -8.59
N MET A 202 7.53 -12.37 -7.72
CA MET A 202 7.06 -12.54 -6.35
C MET A 202 8.23 -12.33 -5.37
N TRP A 203 7.94 -11.85 -4.18
CA TRP A 203 8.98 -11.66 -3.17
C TRP A 203 9.41 -13.02 -2.62
N PRO A 204 10.72 -13.25 -2.41
CA PRO A 204 11.17 -14.55 -1.89
C PRO A 204 10.41 -15.06 -0.66
N GLY A 205 10.12 -14.14 0.29
CA GLY A 205 9.44 -14.56 1.51
C GLY A 205 7.98 -14.86 1.30
N ASP A 206 7.37 -14.25 0.30
CA ASP A 206 5.94 -14.51 0.05
C ASP A 206 5.86 -15.94 -0.50
N ILE A 207 6.74 -16.32 -1.42
CA ILE A 207 6.69 -17.70 -1.95
C ILE A 207 6.92 -18.65 -0.75
N LYS A 208 7.93 -18.39 0.09
CA LYS A 208 8.19 -19.29 1.23
C LYS A 208 6.98 -19.41 2.17
N ALA A 209 6.25 -18.30 2.37
CA ALA A 209 5.06 -18.33 3.25
C ALA A 209 4.01 -19.31 2.70
N VAL A 210 3.88 -19.37 1.40
CA VAL A 210 2.94 -20.34 0.78
C VAL A 210 3.51 -21.75 0.95
N LEU A 211 4.78 -21.94 0.65
CA LEU A 211 5.39 -23.24 0.81
C LEU A 211 5.27 -23.78 2.23
N ASP A 212 5.38 -22.91 3.22
CA ASP A 212 5.29 -23.32 4.65
C ASP A 212 3.94 -23.97 4.99
N LYS A 213 2.92 -23.64 4.19
CA LYS A 213 1.56 -24.16 4.37
C LYS A 213 1.37 -25.52 3.71
N LEU A 214 2.30 -25.97 2.89
CA LEU A 214 2.11 -27.24 2.19
C LEU A 214 2.30 -28.48 3.04
N HIS A 215 1.45 -29.48 2.78
CA HIS A 215 1.53 -30.78 3.45
C HIS A 215 2.63 -31.62 2.85
N ASN A 216 2.98 -32.73 3.50
CA ASN A 216 3.93 -33.66 2.93
C ASN A 216 3.16 -34.46 1.88
N LEU A 217 3.90 -35.20 1.06
CA LEU A 217 3.30 -35.94 -0.06
C LEU A 217 2.43 -37.13 0.39
N ASN A 218 1.53 -37.54 -0.48
CA ASN A 218 0.54 -38.63 -0.15
C ASN A 218 1.23 -39.96 0.11
N THR A 219 0.95 -40.55 1.28
CA THR A 219 1.62 -41.78 1.67
C THR A 219 1.21 -43.09 0.98
N ASN A 220 0.32 -42.99 0.01
CA ASN A 220 0.00 -44.17 -0.80
C ASN A 220 1.13 -44.33 -1.85
N TRP A 221 1.83 -43.22 -2.16
CA TRP A 221 2.85 -43.29 -3.20
C TRP A 221 4.26 -42.81 -2.81
N PHE A 222 4.38 -42.13 -1.68
CA PHE A 222 5.66 -41.59 -1.25
C PHE A 222 5.89 -41.88 0.25
N PRO A 223 7.14 -42.05 0.66
CA PRO A 223 7.45 -42.30 2.07
C PRO A 223 6.93 -41.16 2.95
N ALA A 224 6.59 -41.46 4.20
CA ALA A 224 6.07 -40.44 5.07
C ALA A 224 6.97 -39.17 5.26
N GLY A 225 8.25 -39.18 5.27
CA GLY A 225 8.64 -37.75 5.47
C GLY A 225 8.76 -36.79 4.25
N SER A 226 8.00 -37.01 3.17
CA SER A 226 8.37 -36.33 1.92
C SER A 226 7.83 -34.95 1.57
N ARG A 227 8.76 -33.98 1.40
CA ARG A 227 8.36 -32.63 1.03
C ARG A 227 8.22 -32.53 -0.51
N PRO A 228 7.24 -31.77 -0.98
CA PRO A 228 7.03 -31.59 -2.43
C PRO A 228 8.28 -30.98 -3.07
N PHE A 229 8.62 -31.44 -4.25
CA PHE A 229 9.75 -30.90 -5.00
C PHE A 229 9.27 -29.52 -5.47
N ILE A 230 10.13 -28.51 -5.32
CA ILE A 230 9.77 -27.13 -5.77
C ILE A 230 10.84 -26.57 -6.75
N PHE A 231 10.45 -26.21 -7.96
CA PHE A 231 11.42 -25.53 -8.86
C PHE A 231 10.77 -24.22 -9.26
N GLN A 232 11.48 -23.13 -8.97
CA GLN A 232 10.98 -21.78 -9.23
C GLN A 232 11.44 -21.21 -10.55
N GLU A 233 10.49 -20.76 -11.34
CA GLU A 233 10.88 -20.17 -12.64
C GLU A 233 11.33 -18.71 -12.46
N VAL A 234 12.64 -18.53 -12.48
CA VAL A 234 13.28 -17.21 -12.32
C VAL A 234 14.17 -17.06 -13.52
N ILE A 235 13.87 -16.08 -14.39
CA ILE A 235 14.74 -15.88 -15.52
C ILE A 235 15.84 -14.89 -15.11
N ASP A 236 17.06 -15.37 -14.97
CA ASP A 236 18.21 -14.53 -14.59
C ASP A 236 19.44 -14.86 -15.40
N LEU A 237 19.66 -14.08 -16.46
CA LEU A 237 20.83 -14.32 -17.28
C LEU A 237 21.96 -13.40 -16.88
N GLY A 238 21.82 -12.74 -15.74
CA GLY A 238 22.84 -11.79 -15.32
C GLY A 238 22.45 -10.38 -15.72
N GLY A 239 23.17 -9.38 -15.21
CA GLY A 239 22.88 -7.99 -15.56
C GLY A 239 21.54 -7.33 -15.25
N GLU A 240 20.84 -7.82 -14.23
CA GLU A 240 19.56 -7.26 -13.79
C GLU A 240 19.61 -7.20 -12.27
N ALA A 241 18.64 -6.49 -11.68
CA ALA A 241 18.60 -6.34 -10.23
C ALA A 241 18.30 -7.63 -9.46
N ILE A 242 17.35 -8.42 -9.93
CA ILE A 242 16.96 -9.66 -9.21
C ILE A 242 17.85 -10.84 -9.60
N LYS A 243 18.38 -11.55 -8.59
CA LYS A 243 19.28 -12.69 -8.88
C LYS A 243 18.58 -14.00 -8.51
N SER A 244 18.96 -15.08 -9.20
CA SER A 244 18.36 -16.37 -8.88
C SER A 244 18.65 -16.77 -7.43
N SER A 245 19.80 -16.39 -6.88
CA SER A 245 20.16 -16.75 -5.49
C SER A 245 19.17 -16.28 -4.42
N GLU A 246 18.37 -15.26 -4.73
CA GLU A 246 17.43 -14.75 -3.74
C GLU A 246 16.38 -15.80 -3.37
N TYR A 247 16.22 -16.80 -4.24
CA TYR A 247 15.23 -17.85 -4.06
C TYR A 247 15.80 -19.22 -3.65
N PHE A 248 17.10 -19.32 -3.43
CA PHE A 248 17.69 -20.65 -3.10
C PHE A 248 17.18 -21.31 -1.84
N GLY A 249 16.72 -20.50 -0.86
CA GLY A 249 16.23 -21.08 0.39
C GLY A 249 14.86 -21.70 0.28
N ASN A 250 14.18 -21.47 -0.86
CA ASN A 250 12.82 -22.02 -1.06
C ASN A 250 12.75 -23.35 -1.80
N GLY A 251 13.74 -23.63 -2.64
CA GLY A 251 13.77 -24.84 -3.45
C GLY A 251 14.66 -24.64 -4.65
N ARG A 252 14.54 -25.47 -5.68
CA ARG A 252 15.40 -25.32 -6.84
C ARG A 252 14.94 -24.10 -7.66
N VAL A 253 15.80 -23.66 -8.58
CA VAL A 253 15.51 -22.53 -9.46
C VAL A 253 15.92 -22.94 -10.89
N THR A 254 15.11 -22.53 -11.87
CA THR A 254 15.43 -22.78 -13.29
C THR A 254 16.72 -22.03 -13.63
N GLU A 255 17.72 -22.74 -14.15
CA GLU A 255 18.98 -22.06 -14.53
C GLU A 255 18.89 -21.73 -16.05
N PHE A 256 18.37 -20.54 -16.39
CA PHE A 256 18.27 -20.17 -17.83
C PHE A 256 19.64 -19.87 -18.43
N LYS A 257 20.65 -19.61 -17.60
CA LYS A 257 21.97 -19.41 -18.24
C LYS A 257 22.41 -20.69 -18.94
N TYR A 258 21.91 -21.86 -18.51
CA TYR A 258 22.37 -23.15 -19.04
C TYR A 258 22.12 -23.31 -20.55
N GLY A 259 20.84 -23.20 -20.92
CA GLY A 259 20.45 -23.35 -22.33
C GLY A 259 20.96 -22.24 -23.23
N ALA A 260 21.06 -21.03 -22.66
CA ALA A 260 21.56 -19.88 -23.44
C ALA A 260 23.01 -20.11 -23.79
N LYS A 261 23.81 -20.48 -22.80
CA LYS A 261 25.25 -20.70 -23.05
C LYS A 261 25.47 -21.97 -23.86
N LEU A 262 24.77 -23.07 -23.53
CA LEU A 262 24.99 -24.33 -24.28
C LEU A 262 24.58 -24.16 -25.76
N GLY A 263 23.47 -23.45 -26.01
CA GLY A 263 23.05 -23.23 -27.40
C GLY A 263 24.10 -22.40 -28.16
N THR A 264 24.66 -21.39 -27.53
CA THR A 264 25.69 -20.57 -28.19
C THR A 264 26.96 -21.41 -28.50
N VAL A 265 27.37 -22.27 -27.53
CA VAL A 265 28.55 -23.09 -27.74
C VAL A 265 28.28 -24.12 -28.87
N VAL A 266 27.15 -24.82 -28.81
CA VAL A 266 26.88 -25.84 -29.79
C VAL A 266 26.72 -25.28 -31.19
N ARG A 267 26.15 -24.08 -31.30
CA ARG A 267 26.07 -23.40 -32.60
C ARG A 267 27.40 -22.79 -33.07
N LYS A 268 28.39 -22.74 -32.17
CA LYS A 268 29.71 -22.18 -32.42
C LYS A 268 29.63 -20.71 -32.71
N TRP A 269 28.70 -20.05 -32.02
CA TRP A 269 28.55 -18.60 -32.15
C TRP A 269 29.47 -17.84 -31.19
N SER A 270 29.70 -16.57 -31.50
CA SER A 270 30.50 -15.69 -30.64
C SER A 270 31.85 -16.24 -30.19
N GLY A 271 32.53 -16.97 -31.09
CA GLY A 271 33.84 -17.55 -30.82
C GLY A 271 33.83 -18.71 -29.84
N GLU A 272 32.65 -19.21 -29.50
CA GLU A 272 32.62 -20.33 -28.55
C GLU A 272 32.99 -21.66 -29.25
N LYS A 273 33.55 -22.60 -28.49
CA LYS A 273 33.95 -23.93 -28.98
C LYS A 273 33.57 -24.98 -27.94
N MET A 274 33.25 -26.19 -28.41
CA MET A 274 32.86 -27.24 -27.46
C MET A 274 33.95 -27.59 -26.45
N SER A 275 35.24 -27.44 -26.82
CA SER A 275 36.29 -27.76 -25.88
C SER A 275 36.26 -26.87 -24.63
N TYR A 276 35.59 -25.73 -24.71
CA TYR A 276 35.49 -24.82 -23.56
C TYR A 276 34.55 -25.39 -22.47
N LEU A 277 33.77 -26.45 -22.81
CA LEU A 277 32.86 -27.08 -21.84
C LEU A 277 33.52 -28.01 -20.80
N LYS A 278 34.85 -28.09 -20.81
CA LYS A 278 35.54 -28.95 -19.87
C LYS A 278 35.12 -28.60 -18.43
N ASN A 279 35.00 -27.31 -18.13
CA ASN A 279 34.59 -26.88 -16.79
C ASN A 279 33.13 -26.44 -16.69
N TRP A 280 32.31 -27.01 -17.55
CA TRP A 280 30.88 -26.74 -17.54
C TRP A 280 30.28 -26.93 -16.15
N GLY A 281 29.26 -26.13 -15.83
CA GLY A 281 28.60 -26.19 -14.52
C GLY A 281 28.95 -24.92 -13.72
N GLU A 282 29.31 -25.11 -12.45
CA GLU A 282 29.64 -23.97 -11.60
C GLU A 282 30.80 -23.15 -12.16
N GLY A 283 31.66 -23.79 -12.93
CA GLY A 283 32.78 -23.07 -13.52
C GLY A 283 32.42 -22.04 -14.57
N TRP A 284 31.19 -22.11 -15.07
CA TRP A 284 30.73 -21.14 -16.02
C TRP A 284 29.91 -20.06 -15.30
N GLY A 285 29.96 -20.11 -13.96
CA GLY A 285 29.25 -19.11 -13.18
C GLY A 285 27.80 -19.48 -12.83
N PHE A 286 27.40 -20.73 -13.09
CA PHE A 286 26.02 -21.12 -12.77
C PHE A 286 25.79 -21.32 -11.27
N MET A 287 24.51 -21.42 -10.91
CA MET A 287 24.12 -21.68 -9.54
C MET A 287 24.58 -23.07 -9.07
N PRO A 288 24.53 -23.36 -7.77
CA PRO A 288 24.97 -24.70 -7.34
C PRO A 288 24.14 -25.81 -8.01
N SER A 289 24.80 -26.87 -8.42
CA SER A 289 24.10 -28.02 -9.06
C SER A 289 22.88 -28.49 -8.27
N ASP A 290 23.00 -28.55 -6.94
CA ASP A 290 21.90 -29.02 -6.10
C ASP A 290 20.74 -28.04 -6.00
N ARG A 291 20.86 -26.87 -6.63
CA ARG A 291 19.75 -25.91 -6.63
C ARG A 291 19.17 -25.75 -8.04
N ALA A 292 19.80 -26.38 -9.02
CA ALA A 292 19.44 -26.20 -10.42
C ALA A 292 18.48 -27.18 -11.11
N LEU A 293 17.54 -26.60 -11.88
CA LEU A 293 16.63 -27.34 -12.77
C LEU A 293 17.18 -26.85 -14.15
N VAL A 294 17.69 -27.78 -14.97
CA VAL A 294 18.31 -27.42 -16.27
C VAL A 294 17.55 -27.98 -17.43
N PHE A 295 17.76 -27.39 -18.59
CA PHE A 295 17.01 -27.72 -19.81
C PHE A 295 17.66 -26.99 -20.96
N VAL A 296 17.46 -27.48 -22.17
CA VAL A 296 18.00 -26.83 -23.38
C VAL A 296 17.05 -25.72 -23.82
N ASP A 297 15.75 -26.01 -23.87
CA ASP A 297 14.71 -25.02 -24.20
C ASP A 297 13.48 -25.25 -23.34
N ASN A 298 12.60 -24.24 -23.29
CA ASN A 298 11.30 -24.38 -22.62
C ASN A 298 10.22 -23.89 -23.53
N HIS A 299 8.97 -23.95 -23.11
CA HIS A 299 7.90 -23.56 -24.02
C HIS A 299 7.92 -22.11 -24.50
N ASP A 300 8.50 -21.24 -23.70
CA ASP A 300 8.54 -19.83 -24.11
C ASP A 300 9.71 -19.52 -25.04
N ASN A 301 10.89 -19.93 -24.60
CA ASN A 301 12.04 -19.54 -25.38
C ASN A 301 12.25 -20.39 -26.63
N GLN A 302 11.48 -21.48 -26.82
CA GLN A 302 11.65 -22.23 -28.07
C GLN A 302 10.95 -21.44 -29.20
N ARG A 303 10.25 -20.35 -28.84
CA ARG A 303 9.64 -19.49 -29.83
C ARG A 303 10.59 -18.35 -30.29
N GLY A 304 11.81 -18.35 -29.74
CA GLY A 304 12.85 -17.48 -30.24
C GLY A 304 13.12 -16.10 -29.70
N HIS A 305 12.21 -15.57 -28.89
CA HIS A 305 12.47 -14.26 -28.33
C HIS A 305 12.27 -14.29 -26.83
N GLY A 306 12.76 -15.37 -26.23
CA GLY A 306 12.68 -15.50 -24.80
C GLY A 306 14.08 -15.38 -24.26
N ALA A 307 14.26 -15.98 -23.09
CA ALA A 307 15.56 -15.99 -22.43
C ALA A 307 16.58 -16.75 -23.27
N GLY A 308 17.53 -16.02 -23.86
CA GLY A 308 18.55 -16.65 -24.70
C GLY A 308 18.39 -16.28 -26.18
N GLY A 309 17.25 -15.70 -26.53
CA GLY A 309 17.03 -15.29 -27.91
C GLY A 309 17.26 -16.35 -28.97
N SER A 310 17.89 -15.98 -30.08
CA SER A 310 18.05 -16.96 -31.11
C SER A 310 19.09 -18.06 -30.83
N SER A 311 19.88 -17.93 -29.75
CA SER A 311 20.85 -19.00 -29.50
C SER A 311 20.15 -20.29 -28.97
N ILE A 312 18.95 -20.14 -28.43
CA ILE A 312 18.24 -21.37 -27.91
C ILE A 312 18.00 -22.38 -29.04
N LEU A 313 18.42 -23.63 -28.79
CA LEU A 313 18.20 -24.76 -29.73
C LEU A 313 16.84 -25.37 -29.46
N THR A 314 16.13 -25.78 -30.54
CA THR A 314 14.79 -26.36 -30.43
C THR A 314 14.68 -27.51 -31.42
N PHE A 315 13.52 -28.17 -31.43
CA PHE A 315 13.32 -29.28 -32.37
C PHE A 315 13.46 -28.84 -33.85
N TRP A 316 13.27 -27.55 -34.15
CA TRP A 316 13.47 -27.07 -35.52
C TRP A 316 14.95 -27.18 -35.96
N ASP A 317 15.86 -27.31 -34.98
CA ASP A 317 17.30 -27.41 -35.23
C ASP A 317 17.69 -28.81 -34.70
N ALA A 318 16.88 -29.82 -35.05
CA ALA A 318 17.02 -31.16 -34.47
C ALA A 318 18.39 -31.75 -34.35
N ARG A 319 19.22 -31.59 -35.38
CA ARG A 319 20.58 -32.21 -35.32
C ARG A 319 21.39 -31.66 -34.16
N LEU A 320 21.46 -30.32 -34.04
CA LEU A 320 22.18 -29.72 -32.94
C LEU A 320 21.41 -29.80 -31.61
N TYR A 321 20.07 -29.81 -31.65
CA TYR A 321 19.27 -29.96 -30.41
C TYR A 321 19.65 -31.30 -29.76
N LYS A 322 19.72 -32.38 -30.56
CA LYS A 322 20.10 -33.73 -30.01
C LYS A 322 21.47 -33.74 -29.38
N ILE A 323 22.45 -33.03 -29.98
CA ILE A 323 23.76 -33.02 -29.31
C ILE A 323 23.71 -32.21 -28.02
N ALA A 324 22.94 -31.11 -27.99
CA ALA A 324 22.89 -30.32 -26.75
C ALA A 324 22.16 -31.14 -25.65
N VAL A 325 21.03 -31.77 -25.98
CA VAL A 325 20.29 -32.56 -25.01
C VAL A 325 21.15 -33.76 -24.53
N GLY A 326 21.91 -34.37 -25.45
CA GLY A 326 22.77 -35.49 -25.10
C GLY A 326 23.89 -35.06 -24.15
N PHE A 327 24.53 -33.91 -24.44
CA PHE A 327 25.58 -33.41 -23.50
C PHE A 327 24.95 -33.11 -22.13
N MET A 328 23.79 -32.47 -22.12
CA MET A 328 23.09 -32.16 -20.86
C MET A 328 22.80 -33.44 -20.03
N LEU A 329 22.22 -34.42 -20.71
CA LEU A 329 21.84 -35.68 -20.00
C LEU A 329 23.06 -36.52 -19.57
N ALA A 330 24.23 -36.34 -20.20
CA ALA A 330 25.43 -37.08 -19.78
C ALA A 330 26.18 -36.35 -18.65
N HIS A 331 26.08 -35.02 -18.58
CA HIS A 331 26.86 -34.26 -17.59
C HIS A 331 26.16 -34.26 -16.23
N PRO A 332 26.93 -34.36 -15.13
CA PRO A 332 26.31 -34.39 -13.80
C PRO A 332 25.59 -33.17 -13.27
N TYR A 333 25.87 -32.01 -13.88
CA TYR A 333 25.25 -30.79 -13.38
C TYR A 333 23.72 -30.71 -13.48
N GLY A 334 23.07 -30.44 -12.35
CA GLY A 334 21.66 -30.17 -12.29
C GLY A 334 20.69 -31.34 -12.38
N PHE A 335 19.43 -31.00 -12.17
CA PHE A 335 18.34 -32.01 -12.37
C PHE A 335 17.76 -31.63 -13.73
N THR A 336 17.66 -32.64 -14.60
CA THR A 336 17.30 -32.43 -16.00
C THR A 336 15.84 -32.53 -16.43
N ARG A 337 15.43 -31.54 -17.24
CA ARG A 337 14.05 -31.50 -17.81
C ARG A 337 14.17 -31.49 -19.34
N VAL A 338 13.47 -32.44 -19.99
CA VAL A 338 13.46 -32.49 -21.45
C VAL A 338 12.10 -31.93 -21.92
N MET A 339 12.09 -31.34 -23.10
CA MET A 339 10.88 -30.73 -23.67
C MET A 339 10.17 -31.66 -24.67
N SER A 340 8.81 -31.58 -24.69
CA SER A 340 8.03 -32.32 -25.71
C SER A 340 7.07 -31.24 -26.28
N SER A 341 7.12 -31.03 -27.59
CA SER A 341 6.41 -29.93 -28.22
C SER A 341 5.37 -30.26 -29.26
N TYR A 342 4.68 -29.22 -29.76
CA TYR A 342 3.81 -29.39 -30.92
C TYR A 342 4.33 -28.51 -32.03
N ARG A 343 4.08 -28.89 -33.26
CA ARG A 343 4.54 -28.14 -34.40
C ARG A 343 3.42 -27.17 -34.76
N TRP A 344 3.78 -25.95 -35.08
CA TRP A 344 2.76 -24.98 -35.45
C TRP A 344 3.13 -24.42 -36.79
N ALA A 345 2.12 -23.87 -37.46
CA ALA A 345 2.29 -23.26 -38.77
C ALA A 345 2.97 -21.93 -38.60
N ARG A 346 4.28 -21.91 -38.76
CA ARG A 346 5.01 -20.67 -38.60
C ARG A 346 4.75 -19.81 -39.84
N ASN A 347 4.76 -18.49 -39.66
CA ASN A 347 4.55 -17.57 -40.78
C ASN A 347 5.48 -16.40 -40.53
N PHE A 348 6.57 -16.34 -41.27
CA PHE A 348 7.55 -15.29 -41.08
C PHE A 348 7.27 -14.04 -41.89
N VAL A 349 7.28 -12.91 -41.20
CA VAL A 349 7.09 -11.60 -41.84
C VAL A 349 8.23 -10.75 -41.33
N ASN A 350 9.04 -10.22 -42.24
CA ASN A 350 10.18 -9.40 -41.87
C ASN A 350 11.04 -10.13 -40.86
N GLY A 351 11.16 -11.44 -41.06
CA GLY A 351 12.00 -12.27 -40.20
C GLY A 351 11.38 -12.75 -38.91
N GLU A 352 10.12 -12.40 -38.66
CA GLU A 352 9.51 -12.84 -37.42
C GLU A 352 8.34 -13.77 -37.59
N ASP A 353 8.23 -14.75 -36.70
CA ASP A 353 7.13 -15.67 -36.76
C ASP A 353 5.96 -14.94 -36.09
N VAL A 354 4.98 -14.56 -36.88
CA VAL A 354 3.83 -13.86 -36.34
C VAL A 354 2.80 -14.84 -35.84
N ASN A 355 3.10 -16.15 -35.98
CA ASN A 355 2.15 -17.18 -35.57
C ASN A 355 2.64 -17.87 -34.29
N ASP A 356 3.56 -17.27 -33.55
CA ASP A 356 4.06 -17.97 -32.35
C ASP A 356 3.15 -18.04 -31.16
N TRP A 357 1.99 -17.42 -31.29
CA TRP A 357 0.96 -17.47 -30.29
C TRP A 357 0.11 -18.73 -30.47
N ILE A 358 0.21 -19.37 -31.64
CA ILE A 358 -0.65 -20.49 -31.91
C ILE A 358 -0.63 -21.57 -30.81
N GLY A 359 -1.83 -21.99 -30.40
CA GLY A 359 -1.98 -23.01 -29.39
C GLY A 359 -1.82 -24.42 -29.95
N PRO A 360 -2.05 -25.43 -29.10
CA PRO A 360 -1.94 -26.86 -29.47
C PRO A 360 -2.85 -27.31 -30.59
N PRO A 361 -2.42 -28.35 -31.34
CA PRO A 361 -3.25 -28.86 -32.45
C PRO A 361 -4.67 -29.03 -31.96
N ASN A 362 -5.65 -28.61 -32.75
CA ASN A 362 -7.02 -28.70 -32.26
C ASN A 362 -8.03 -28.81 -33.41
N ASN A 363 -9.23 -29.29 -33.07
CA ASN A 363 -10.38 -29.37 -33.99
C ASN A 363 -11.45 -28.45 -33.33
N ASN A 364 -11.62 -27.25 -33.89
CA ASN A 364 -12.60 -26.27 -33.40
C ASN A 364 -12.41 -25.99 -31.93
N GLY A 365 -11.15 -25.87 -31.54
CA GLY A 365 -10.85 -25.60 -30.15
C GLY A 365 -10.63 -26.78 -29.23
N VAL A 366 -10.98 -28.01 -29.60
CA VAL A 366 -10.74 -29.13 -28.71
C VAL A 366 -9.37 -29.71 -29.09
N ILE A 367 -8.47 -29.78 -28.12
CA ILE A 367 -7.12 -30.29 -28.37
C ILE A 367 -7.15 -31.73 -28.93
N LYS A 368 -6.34 -32.00 -29.97
CA LYS A 368 -6.29 -33.32 -30.60
C LYS A 368 -5.60 -34.37 -29.75
N GLU A 369 -6.02 -35.62 -29.87
CA GLU A 369 -5.39 -36.68 -29.10
C GLU A 369 -3.96 -36.92 -29.68
N VAL A 370 -3.08 -37.53 -28.88
CA VAL A 370 -1.73 -37.84 -29.39
C VAL A 370 -1.86 -39.24 -30.01
N THR A 371 -1.64 -39.35 -31.32
CA THR A 371 -1.72 -40.65 -31.95
C THR A 371 -0.31 -41.20 -32.02
N ILE A 372 -0.17 -42.50 -31.82
CA ILE A 372 1.11 -43.19 -31.91
C ILE A 372 1.15 -44.07 -33.18
N ASN A 373 2.19 -43.92 -33.99
CA ASN A 373 2.39 -44.71 -35.22
C ASN A 373 3.34 -45.89 -34.89
N ALA A 374 3.63 -46.76 -35.85
CA ALA A 374 4.47 -47.93 -35.59
C ALA A 374 5.94 -47.64 -35.39
N ASP A 375 6.47 -46.66 -36.11
CA ASP A 375 7.88 -46.37 -35.91
C ASP A 375 8.03 -45.72 -34.55
N THR A 376 6.93 -45.70 -33.81
CA THR A 376 6.90 -45.14 -32.47
C THR A 376 6.91 -43.60 -32.48
N THR A 377 6.72 -42.99 -33.64
CA THR A 377 6.66 -41.51 -33.74
C THR A 377 5.23 -41.11 -33.45
N CYS A 378 4.98 -39.81 -33.31
CA CYS A 378 3.62 -39.32 -33.04
C CYS A 378 2.97 -38.63 -34.26
N GLY A 379 1.64 -38.63 -34.28
CA GLY A 379 0.89 -37.93 -35.32
C GLY A 379 0.16 -36.71 -34.74
N ASN A 380 -0.80 -36.15 -35.50
CA ASN A 380 -1.61 -35.00 -35.06
C ASN A 380 -0.85 -33.71 -34.67
N ASP A 381 0.32 -33.51 -35.29
CA ASP A 381 1.17 -32.32 -35.09
C ASP A 381 1.96 -32.29 -33.80
N TRP A 382 1.91 -33.37 -33.01
CA TRP A 382 2.72 -33.43 -31.80
C TRP A 382 4.10 -33.90 -32.24
N VAL A 383 5.15 -33.28 -31.69
CA VAL A 383 6.50 -33.65 -32.12
C VAL A 383 7.08 -34.85 -31.38
N CYS A 384 6.76 -34.93 -30.09
CA CYS A 384 7.23 -36.03 -29.25
C CYS A 384 8.76 -36.18 -29.24
N GLU A 385 9.50 -35.11 -28.94
CA GLU A 385 10.97 -35.24 -28.86
C GLU A 385 11.39 -36.31 -27.86
N HIS A 386 10.56 -36.54 -26.83
CA HIS A 386 10.92 -37.51 -25.81
C HIS A 386 10.91 -38.94 -26.32
N ARG A 387 10.34 -39.14 -27.51
CA ARG A 387 10.33 -40.46 -28.16
C ARG A 387 11.48 -40.64 -29.17
N TRP A 388 12.22 -39.58 -29.44
CA TRP A 388 13.37 -39.75 -30.36
C TRP A 388 14.34 -40.68 -29.70
N ARG A 389 14.79 -41.69 -30.47
CA ARG A 389 15.77 -42.67 -29.91
C ARG A 389 16.94 -42.03 -29.19
N GLU A 390 17.48 -41.00 -29.83
CA GLU A 390 18.66 -40.34 -29.27
C GLU A 390 18.40 -39.65 -27.94
N ILE A 391 17.18 -39.17 -27.71
CA ILE A 391 16.88 -38.54 -26.43
C ILE A 391 16.43 -39.59 -25.40
N ARG A 392 15.51 -40.50 -25.79
CA ARG A 392 15.05 -41.58 -24.92
C ARG A 392 16.22 -42.38 -24.36
N ASN A 393 17.19 -42.67 -25.21
CA ASN A 393 18.31 -43.49 -24.74
C ASN A 393 19.25 -42.73 -23.82
N MET A 394 19.32 -41.41 -24.00
CA MET A 394 20.14 -40.62 -23.09
C MET A 394 19.43 -40.40 -21.77
N VAL A 395 18.10 -40.41 -21.74
CA VAL A 395 17.52 -40.31 -20.41
C VAL A 395 17.79 -41.67 -19.69
N TRP A 396 17.81 -42.79 -20.43
CA TRP A 396 18.18 -44.07 -19.77
C TRP A 396 19.67 -44.01 -19.32
N PHE A 397 20.55 -43.49 -20.17
CA PHE A 397 21.99 -43.31 -19.82
C PHE A 397 22.07 -42.55 -18.48
N ARG A 398 21.32 -41.45 -18.32
CA ARG A 398 21.50 -40.69 -17.05
C ARG A 398 21.10 -41.54 -15.83
N ASN A 399 20.06 -42.39 -16.00
CA ASN A 399 19.70 -43.30 -14.88
C ASN A 399 20.85 -44.29 -14.56
N VAL A 400 21.40 -44.93 -15.61
CA VAL A 400 22.43 -45.93 -15.47
C VAL A 400 23.67 -45.39 -14.78
N VAL A 401 24.03 -44.13 -15.06
CA VAL A 401 25.25 -43.60 -14.45
C VAL A 401 25.08 -42.88 -13.11
N ASP A 402 23.84 -42.73 -12.66
CA ASP A 402 23.56 -42.00 -11.43
C ASP A 402 24.55 -42.19 -10.31
N GLY A 403 25.14 -41.08 -9.90
CA GLY A 403 26.14 -41.00 -8.85
C GLY A 403 27.60 -40.98 -9.28
N GLN A 404 27.89 -41.56 -10.44
CA GLN A 404 29.25 -41.66 -10.93
C GLN A 404 29.81 -40.30 -11.29
N PRO A 405 31.06 -40.04 -10.91
CA PRO A 405 31.69 -38.76 -11.19
C PRO A 405 32.10 -38.48 -12.64
N PHE A 406 32.11 -37.20 -12.98
CA PHE A 406 32.62 -36.74 -14.29
C PHE A 406 34.09 -37.21 -14.37
N ALA A 407 34.45 -37.83 -15.47
CA ALA A 407 35.80 -38.38 -15.59
C ALA A 407 36.28 -38.50 -17.02
N ASN A 408 37.58 -38.73 -17.19
CA ASN A 408 38.10 -39.02 -18.53
C ASN A 408 37.77 -38.03 -19.63
N TRP A 409 37.82 -36.74 -19.27
CA TRP A 409 37.60 -35.72 -20.30
C TRP A 409 38.73 -35.70 -21.32
N TRP A 410 38.34 -35.57 -22.59
CA TRP A 410 39.27 -35.39 -23.68
C TRP A 410 38.70 -34.31 -24.64
N ASP A 411 39.60 -33.61 -25.31
CA ASP A 411 39.18 -32.71 -26.39
C ASP A 411 40.30 -32.56 -27.38
N ASN A 412 39.96 -32.13 -28.58
CA ASN A 412 40.95 -31.93 -29.68
C ASN A 412 41.33 -30.45 -29.81
N GLY A 413 41.06 -29.65 -28.77
CA GLY A 413 41.35 -28.22 -28.80
C GLY A 413 40.43 -27.37 -29.65
N SER A 414 39.38 -27.98 -30.19
CA SER A 414 38.43 -27.30 -31.04
C SER A 414 36.99 -27.70 -30.64
N ASN A 415 36.31 -28.53 -31.44
CA ASN A 415 34.91 -28.89 -31.14
C ASN A 415 34.66 -30.39 -31.05
N GLN A 416 35.70 -31.15 -30.75
CA GLN A 416 35.56 -32.60 -30.55
C GLN A 416 35.87 -32.80 -29.06
N VAL A 417 34.95 -33.44 -28.33
CA VAL A 417 35.15 -33.66 -26.93
C VAL A 417 34.56 -35.00 -26.50
N ALA A 418 35.00 -35.49 -25.35
CA ALA A 418 34.44 -36.73 -24.80
C ALA A 418 34.62 -36.72 -23.29
N PHE A 419 33.76 -37.46 -22.60
CA PHE A 419 33.93 -37.65 -21.15
C PHE A 419 33.11 -38.83 -20.70
N GLY A 420 33.40 -39.31 -19.49
CA GLY A 420 32.62 -40.40 -18.98
C GLY A 420 32.06 -40.08 -17.61
N ARG A 421 31.35 -41.08 -17.09
CA ARG A 421 30.76 -41.01 -15.76
C ARG A 421 31.24 -42.30 -15.06
N GLY A 422 32.27 -42.12 -14.21
CA GLY A 422 32.88 -43.24 -13.48
C GLY A 422 33.14 -44.38 -14.43
N ASN A 423 32.73 -45.59 -14.05
CA ASN A 423 33.00 -46.67 -14.91
C ASN A 423 31.68 -47.20 -15.49
N ARG A 424 30.66 -46.32 -15.58
CA ARG A 424 29.34 -46.77 -16.06
C ARG A 424 28.86 -46.18 -17.38
N GLY A 425 29.50 -45.12 -17.87
CA GLY A 425 29.08 -44.60 -19.19
C GLY A 425 30.13 -43.69 -19.83
N PHE A 426 30.08 -43.51 -21.15
CA PHE A 426 31.03 -42.66 -21.85
C PHE A 426 30.32 -42.08 -23.07
N ILE A 427 30.70 -40.84 -23.43
CA ILE A 427 30.05 -40.20 -24.60
C ILE A 427 31.08 -39.41 -25.35
N VAL A 428 30.98 -39.40 -26.66
CA VAL A 428 31.93 -38.73 -27.54
C VAL A 428 31.19 -37.88 -28.57
N PHE A 429 31.67 -36.66 -28.77
CA PHE A 429 31.02 -35.74 -29.70
C PHE A 429 31.96 -35.18 -30.75
N ASN A 430 31.45 -35.08 -31.98
CA ASN A 430 32.21 -34.44 -33.04
C ASN A 430 31.42 -33.26 -33.58
N ASN A 431 31.71 -32.05 -33.08
CA ASN A 431 31.07 -30.85 -33.58
C ASN A 431 31.98 -30.00 -34.48
N ASP A 432 33.03 -30.60 -35.02
CA ASP A 432 33.94 -29.90 -35.98
C ASP A 432 33.54 -30.28 -37.41
N ASP A 433 34.07 -29.54 -38.37
CA ASP A 433 33.75 -29.80 -39.77
C ASP A 433 34.72 -30.76 -40.43
N TRP A 434 35.10 -31.79 -39.71
CA TRP A 434 36.00 -32.82 -40.25
C TRP A 434 35.80 -34.09 -39.45
N GLN A 435 36.38 -35.19 -39.91
CA GLN A 435 36.24 -36.50 -39.22
C GLN A 435 36.88 -36.56 -37.83
N LEU A 436 36.20 -37.25 -36.92
CA LEU A 436 36.75 -37.54 -35.60
C LEU A 436 37.32 -38.97 -35.76
N SER A 437 38.61 -39.14 -35.44
CA SER A 437 39.27 -40.46 -35.50
C SER A 437 40.29 -40.44 -34.37
N SER A 438 39.94 -41.06 -33.25
CA SER A 438 40.77 -41.04 -32.08
C SER A 438 40.62 -42.29 -31.22
N THR A 439 41.72 -42.67 -30.55
CA THR A 439 41.70 -43.77 -29.59
C THR A 439 41.49 -43.07 -28.25
N LEU A 440 40.38 -43.39 -27.57
CA LEU A 440 40.01 -42.74 -26.31
C LEU A 440 39.87 -43.67 -25.13
N GLN A 441 40.28 -43.21 -23.95
CA GLN A 441 40.10 -43.96 -22.70
C GLN A 441 38.64 -43.71 -22.26
N THR A 442 37.84 -44.77 -22.22
CA THR A 442 36.39 -44.67 -21.86
C THR A 442 36.06 -44.85 -20.36
N GLY A 443 37.00 -45.44 -19.63
CA GLY A 443 36.79 -45.75 -18.23
C GLY A 443 35.90 -46.98 -18.02
N LEU A 444 35.44 -47.63 -19.09
CA LEU A 444 34.53 -48.74 -18.95
C LEU A 444 35.27 -50.10 -19.05
N PRO A 445 34.66 -51.15 -18.49
CA PRO A 445 35.22 -52.52 -18.52
C PRO A 445 35.26 -52.96 -19.99
N GLY A 446 36.22 -53.81 -20.36
CA GLY A 446 36.25 -54.25 -21.77
C GLY A 446 34.99 -55.04 -22.18
N GLY A 447 34.65 -54.96 -23.46
CA GLY A 447 33.51 -55.68 -23.96
C GLY A 447 33.01 -55.05 -25.22
N THR A 448 31.94 -55.59 -25.77
CA THR A 448 31.33 -55.02 -26.97
C THR A 448 30.10 -54.24 -26.49
N TYR A 449 30.03 -52.95 -26.80
CA TYR A 449 28.96 -52.10 -26.36
C TYR A 449 28.12 -51.57 -27.52
N CYS A 450 26.82 -51.53 -27.34
CA CYS A 450 25.96 -50.95 -28.37
C CYS A 450 25.92 -49.43 -28.20
N ASP A 451 26.11 -48.67 -29.29
CA ASP A 451 25.97 -47.22 -29.26
C ASP A 451 24.47 -46.97 -29.15
N VAL A 452 24.03 -46.28 -28.09
CA VAL A 452 22.60 -46.05 -27.88
C VAL A 452 22.07 -44.81 -28.63
N ILE A 453 22.94 -44.13 -29.38
CA ILE A 453 22.47 -43.00 -30.16
C ILE A 453 22.01 -43.49 -31.55
N SER A 454 22.74 -44.46 -32.10
CA SER A 454 22.42 -45.00 -33.45
C SER A 454 21.53 -46.24 -33.40
N GLY A 455 21.42 -46.87 -32.24
CA GLY A 455 20.63 -48.08 -32.15
C GLY A 455 20.36 -48.44 -30.70
N ASP A 456 20.04 -49.71 -30.49
CA ASP A 456 19.68 -50.25 -29.20
C ASP A 456 20.25 -51.65 -29.00
N LYS A 457 20.39 -52.07 -27.75
CA LYS A 457 20.80 -53.45 -27.48
C LYS A 457 19.46 -54.19 -27.46
N VAL A 458 19.35 -55.23 -28.27
CA VAL A 458 18.13 -56.03 -28.33
C VAL A 458 18.58 -57.49 -28.16
N GLY A 459 18.18 -58.10 -27.06
CA GLY A 459 18.62 -59.47 -26.85
C GLY A 459 20.13 -59.35 -26.82
N ASN A 460 20.85 -60.34 -27.32
CA ASN A 460 22.27 -60.18 -27.24
C ASN A 460 22.89 -59.63 -28.53
N SER A 461 22.22 -58.66 -29.16
CA SER A 461 22.74 -58.05 -30.39
C SER A 461 22.53 -56.53 -30.34
N CYS A 462 23.15 -55.80 -31.28
CA CYS A 462 22.99 -54.33 -31.35
C CYS A 462 22.31 -53.95 -32.67
N THR A 463 21.41 -52.98 -32.66
CA THR A 463 20.77 -52.59 -33.90
C THR A 463 21.48 -51.46 -34.62
N GLY A 464 22.48 -50.86 -33.96
CA GLY A 464 23.25 -49.78 -34.57
C GLY A 464 24.74 -50.08 -34.49
N ILE A 465 25.53 -49.02 -34.37
CA ILE A 465 26.96 -49.13 -34.27
C ILE A 465 27.38 -49.88 -33.03
N LYS A 466 28.45 -50.70 -33.18
CA LYS A 466 29.01 -51.43 -32.03
C LYS A 466 30.36 -50.78 -31.73
N VAL A 467 30.67 -50.68 -30.44
CA VAL A 467 31.93 -50.06 -30.00
C VAL A 467 32.69 -51.15 -29.29
N TYR A 468 33.92 -51.43 -29.74
CA TYR A 468 34.68 -52.47 -29.09
C TYR A 468 35.70 -51.88 -28.11
N VAL A 469 35.39 -52.03 -26.83
CA VAL A 469 36.29 -51.48 -25.80
C VAL A 469 37.25 -52.60 -25.33
N SER A 470 38.54 -52.28 -25.32
CA SER A 470 39.50 -53.31 -24.92
C SER A 470 39.57 -53.32 -23.40
N SER A 471 40.27 -54.31 -22.85
CA SER A 471 40.30 -54.43 -21.40
C SER A 471 40.85 -53.27 -20.58
N ASP A 472 41.73 -52.48 -21.19
CA ASP A 472 42.31 -51.32 -20.51
C ASP A 472 41.37 -50.09 -20.61
N GLY A 473 40.21 -50.30 -21.23
CA GLY A 473 39.23 -49.22 -21.33
C GLY A 473 39.29 -48.39 -22.61
N THR A 474 40.31 -48.60 -23.45
CA THR A 474 40.41 -47.82 -24.69
C THR A 474 39.54 -48.35 -25.82
N ALA A 475 39.09 -47.45 -26.71
CA ALA A 475 38.29 -47.88 -27.87
C ALA A 475 38.61 -46.96 -29.03
N GLN A 476 38.42 -47.48 -30.24
CA GLN A 476 38.65 -46.64 -31.42
C GLN A 476 37.34 -45.94 -31.79
N PHE A 477 37.34 -44.62 -31.93
CA PHE A 477 36.11 -43.91 -32.31
C PHE A 477 36.32 -43.24 -33.65
N SER A 478 35.33 -43.38 -34.53
CA SER A 478 35.41 -42.77 -35.83
C SER A 478 34.00 -42.25 -36.13
N ILE A 479 33.87 -40.94 -36.17
CA ILE A 479 32.55 -40.28 -36.38
C ILE A 479 32.68 -39.21 -37.44
N SER A 480 31.94 -39.36 -38.55
CA SER A 480 31.93 -38.38 -39.63
C SER A 480 31.20 -37.12 -39.16
N ASN A 481 31.69 -35.96 -39.59
CA ASN A 481 30.96 -34.73 -39.28
C ASN A 481 29.60 -34.72 -40.02
N SER A 482 29.36 -35.67 -40.94
CA SER A 482 28.10 -35.76 -41.67
C SER A 482 27.26 -37.00 -41.27
N ALA A 483 27.61 -37.65 -40.15
CA ALA A 483 26.88 -38.84 -39.66
C ALA A 483 25.44 -38.45 -39.30
N GLU A 484 24.52 -39.41 -39.28
CA GLU A 484 23.14 -39.10 -38.85
C GLU A 484 23.21 -38.25 -37.55
N ASP A 485 23.91 -38.79 -36.56
CA ASP A 485 24.09 -38.05 -35.33
C ASP A 485 25.60 -38.05 -35.08
N PRO A 486 26.22 -36.88 -34.93
CA PRO A 486 27.68 -36.82 -34.72
C PRO A 486 28.15 -37.06 -33.32
N PHE A 487 27.54 -38.03 -32.65
CA PHE A 487 28.04 -38.35 -31.29
C PHE A 487 27.66 -39.80 -31.01
N ILE A 488 28.40 -40.43 -30.10
CA ILE A 488 28.17 -41.84 -29.74
C ILE A 488 28.11 -41.95 -28.21
N ALA A 489 27.25 -42.80 -27.66
CA ALA A 489 27.21 -42.95 -26.21
C ALA A 489 27.05 -44.42 -25.87
N ILE A 490 27.77 -44.87 -24.84
CA ILE A 490 27.68 -46.29 -24.44
C ILE A 490 27.63 -46.33 -22.91
N HIS A 491 27.04 -47.38 -22.36
CA HIS A 491 26.96 -47.46 -20.91
C HIS A 491 26.84 -48.91 -20.45
N ALA A 492 26.82 -49.11 -19.14
CA ALA A 492 26.82 -50.46 -18.61
C ALA A 492 25.68 -51.35 -19.04
N GLU A 493 24.50 -50.80 -19.30
CA GLU A 493 23.38 -51.65 -19.68
C GLU A 493 23.28 -51.76 -21.21
N SER A 494 24.28 -51.25 -21.93
CA SER A 494 24.25 -51.45 -23.39
C SER A 494 25.35 -52.43 -23.81
N LYS A 495 26.03 -53.06 -22.84
CA LYS A 495 27.10 -54.01 -23.08
C LYS A 495 26.52 -55.38 -23.41
N LEU A 496 27.07 -56.04 -24.42
CA LEU A 496 26.60 -57.38 -24.76
C LEU A 496 27.16 -58.38 -23.76
N GLN B 1 -22.43 19.59 3.05
CA GLN B 1 -21.33 19.53 4.01
C GLN B 1 -21.28 20.79 4.87
N TYR B 2 -21.86 21.90 4.39
CA TYR B 2 -21.77 23.15 5.13
C TYR B 2 -22.91 23.37 6.09
N ALA B 3 -24.06 22.72 5.82
CA ALA B 3 -25.22 22.87 6.67
C ALA B 3 -25.07 21.98 7.93
N PRO B 4 -25.32 22.54 9.12
CA PRO B 4 -25.17 21.77 10.36
C PRO B 4 -26.09 20.59 10.52
N GLN B 5 -27.24 20.67 9.90
CA GLN B 5 -28.24 19.58 9.98
C GLN B 5 -28.83 19.47 11.39
N THR B 6 -28.73 20.52 12.18
CA THR B 6 -29.43 20.53 13.46
C THR B 6 -30.92 20.70 13.08
N GLN B 7 -31.79 20.50 14.06
CA GLN B 7 -33.20 20.73 13.86
C GLN B 7 -33.36 22.25 13.57
N SER B 8 -34.22 22.57 12.60
CA SER B 8 -34.48 23.95 12.26
C SER B 8 -34.74 24.77 13.54
N GLY B 9 -34.08 25.92 13.66
CA GLY B 9 -34.28 26.75 14.82
C GLY B 9 -33.30 26.51 15.94
N ARG B 10 -32.42 25.50 15.80
CA ARG B 10 -31.39 25.26 16.83
C ARG B 10 -30.09 25.65 16.17
N THR B 11 -29.27 26.43 16.88
CA THR B 11 -28.10 27.03 16.25
C THR B 11 -26.71 26.84 16.84
N SER B 12 -26.58 25.98 17.83
CA SER B 12 -25.24 25.77 18.43
C SER B 12 -25.00 24.28 18.75
N ILE B 13 -23.71 23.91 18.89
CA ILE B 13 -23.37 22.58 19.37
C ILE B 13 -22.47 22.75 20.57
N VAL B 14 -22.49 21.76 21.49
CA VAL B 14 -21.64 21.78 22.69
C VAL B 14 -20.63 20.61 22.68
N HIS B 15 -19.38 20.86 23.01
CA HIS B 15 -18.37 19.77 23.09
C HIS B 15 -18.44 19.23 24.53
N LEU B 16 -19.03 18.05 24.73
CA LEU B 16 -19.04 17.46 26.08
C LEU B 16 -17.75 16.60 26.15
N PHE B 17 -16.63 17.30 26.37
CA PHE B 17 -15.29 16.69 26.36
C PHE B 17 -15.11 15.55 27.39
N GLU B 18 -14.79 14.36 26.89
CA GLU B 18 -14.54 13.16 27.73
C GLU B 18 -15.77 12.60 28.49
N TRP B 19 -16.97 13.08 28.19
CA TRP B 19 -18.18 12.57 28.84
C TRP B 19 -18.46 11.13 28.37
N ARG B 20 -18.98 10.31 29.28
CA ARG B 20 -19.37 8.94 28.94
C ARG B 20 -20.71 8.99 28.22
N TRP B 21 -20.97 8.03 27.34
CA TRP B 21 -22.21 7.99 26.55
C TRP B 21 -23.51 8.00 27.35
N VAL B 22 -23.55 7.22 28.43
CA VAL B 22 -24.78 7.17 29.22
C VAL B 22 -25.10 8.55 29.82
N ASP B 23 -24.05 9.30 30.16
CA ASP B 23 -24.23 10.64 30.74
C ASP B 23 -24.70 11.63 29.66
N ILE B 24 -24.19 11.47 28.43
CA ILE B 24 -24.64 12.37 27.35
C ILE B 24 -26.10 12.05 27.02
N ALA B 25 -26.44 10.78 27.01
CA ALA B 25 -27.84 10.40 26.72
C ALA B 25 -28.80 11.03 27.75
N LEU B 26 -28.43 10.96 29.03
CA LEU B 26 -29.32 11.52 30.06
C LEU B 26 -29.34 13.05 29.95
N GLU B 27 -28.18 13.65 29.62
CA GLU B 27 -28.08 15.11 29.49
C GLU B 27 -28.95 15.60 28.32
N CYS B 28 -29.09 14.79 27.27
CA CYS B 28 -29.93 15.22 26.14
C CYS B 28 -31.37 15.32 26.61
N GLU B 29 -31.82 14.30 27.33
CA GLU B 29 -33.21 14.26 27.77
C GLU B 29 -33.55 15.25 28.85
N ARG B 30 -32.67 15.42 29.82
CA ARG B 30 -32.97 16.33 30.93
C ARG B 30 -32.63 17.78 30.73
N TYR B 31 -31.78 18.09 29.74
CA TYR B 31 -31.29 19.47 29.58
C TYR B 31 -31.10 19.97 28.15
N LEU B 32 -30.24 19.29 27.37
CA LEU B 32 -29.98 19.79 26.02
C LEU B 32 -31.20 19.91 25.14
N GLY B 33 -32.07 18.91 25.19
CA GLY B 33 -33.27 18.91 24.37
C GLY B 33 -34.14 20.10 24.72
N PRO B 34 -34.56 20.17 25.99
CA PRO B 34 -35.40 21.27 26.50
C PRO B 34 -34.82 22.67 26.36
N LYS B 35 -33.49 22.76 26.43
CA LYS B 35 -32.86 24.06 26.40
C LYS B 35 -32.42 24.54 25.04
N GLY B 36 -32.82 23.81 24.02
CA GLY B 36 -32.60 24.26 22.65
C GLY B 36 -31.24 24.09 22.04
N PHE B 37 -30.42 23.23 22.63
CA PHE B 37 -29.07 23.00 22.08
C PHE B 37 -29.21 22.19 20.77
N GLY B 38 -28.44 22.55 19.73
CA GLY B 38 -28.59 21.83 18.48
C GLY B 38 -27.90 20.48 18.43
N GLY B 39 -26.83 20.34 19.21
CA GLY B 39 -26.12 19.07 19.18
C GLY B 39 -24.93 19.00 20.08
N VAL B 40 -24.30 17.83 20.06
CA VAL B 40 -23.15 17.52 20.90
C VAL B 40 -21.99 16.99 20.09
N GLN B 41 -20.80 17.56 20.28
CA GLN B 41 -19.57 17.05 19.64
C GLN B 41 -19.07 16.05 20.70
N VAL B 42 -18.94 14.77 20.34
CA VAL B 42 -18.46 13.78 21.32
C VAL B 42 -16.97 13.49 21.12
N SER B 43 -16.33 12.94 22.14
CA SER B 43 -14.93 12.56 22.05
C SER B 43 -14.81 11.36 21.10
N PRO B 44 -13.60 11.09 20.56
CA PRO B 44 -13.44 9.95 19.63
C PRO B 44 -14.07 8.67 20.20
N PRO B 45 -15.02 8.06 19.46
CA PRO B 45 -15.74 6.83 19.87
C PRO B 45 -15.11 5.50 19.51
N ASN B 46 -14.03 5.58 18.76
CA ASN B 46 -13.25 4.36 18.38
C ASN B 46 -12.16 3.97 19.39
N GLU B 47 -11.81 2.68 19.41
CA GLU B 47 -10.82 2.10 20.29
C GLU B 47 -9.45 2.79 20.21
N ASN B 48 -8.86 3.06 21.36
CA ASN B 48 -7.56 3.73 21.39
C ASN B 48 -6.55 2.97 22.26
N ILE B 49 -5.29 3.37 22.19
CA ILE B 49 -4.21 2.77 22.98
C ILE B 49 -4.29 3.26 24.44
N VAL B 50 -3.96 2.39 25.41
CA VAL B 50 -3.98 2.80 26.81
C VAL B 50 -2.59 3.37 27.10
N VAL B 51 -2.54 4.59 27.62
CA VAL B 51 -1.27 5.25 27.96
C VAL B 51 -1.19 5.24 29.49
N THR B 52 -0.12 4.67 30.02
CA THR B 52 0.05 4.58 31.47
C THR B 52 1.06 5.55 32.02
N ASN B 53 1.88 6.13 31.16
CA ASN B 53 2.85 7.14 31.58
C ASN B 53 2.77 8.30 30.61
N PRO B 54 2.09 9.39 31.01
CA PRO B 54 1.43 9.58 32.29
C PRO B 54 0.16 8.72 32.35
N SER B 55 -0.50 8.72 33.48
CA SER B 55 -1.67 7.89 33.69
C SER B 55 -2.98 8.34 33.06
N ARG B 56 -3.33 7.69 31.97
CA ARG B 56 -4.56 7.93 31.22
C ARG B 56 -4.80 9.41 30.84
N PRO B 57 -3.89 9.99 30.05
CA PRO B 57 -4.05 11.41 29.64
C PRO B 57 -5.26 11.54 28.70
N TRP B 58 -5.80 12.77 28.59
CA TRP B 58 -6.90 12.96 27.70
C TRP B 58 -6.44 12.63 26.29
N TRP B 59 -5.16 12.90 26.00
CA TRP B 59 -4.70 12.72 24.61
C TRP B 59 -4.49 11.29 24.14
N GLU B 60 -4.67 10.30 25.01
CA GLU B 60 -4.58 8.90 24.53
C GLU B 60 -5.76 8.61 23.56
N ARG B 61 -6.86 9.37 23.64
CA ARG B 61 -8.00 9.15 22.76
C ARG B 61 -7.74 9.61 21.33
N TYR B 62 -6.61 10.24 21.09
CA TYR B 62 -6.31 10.66 19.72
C TYR B 62 -5.27 9.68 19.10
N GLN B 63 -5.22 8.46 19.66
CA GLN B 63 -4.27 7.41 19.21
C GLN B 63 -5.06 6.12 18.98
N PRO B 64 -5.77 6.04 17.85
CA PRO B 64 -6.58 4.89 17.48
C PRO B 64 -5.85 3.55 17.35
N VAL B 65 -6.54 2.45 17.71
CA VAL B 65 -5.98 1.09 17.48
C VAL B 65 -6.96 0.25 16.65
N SER B 66 -8.20 0.71 16.48
CA SER B 66 -9.20 0.04 15.65
C SER B 66 -10.40 0.97 15.48
N TYR B 67 -11.38 0.55 14.69
CA TYR B 67 -12.60 1.35 14.54
C TYR B 67 -13.75 0.75 15.37
N LYS B 68 -13.43 -0.14 16.31
CA LYS B 68 -14.49 -0.71 17.18
C LYS B 68 -14.97 0.44 18.07
N LEU B 69 -16.27 0.50 18.32
CA LEU B 69 -16.82 1.58 19.18
C LEU B 69 -16.76 1.15 20.65
N CYS B 70 -15.57 1.19 21.23
CA CYS B 70 -15.36 0.73 22.60
C CYS B 70 -14.24 1.54 23.22
N THR B 71 -14.61 2.46 24.12
CA THR B 71 -13.69 3.40 24.78
C THR B 71 -14.03 3.61 26.25
N ARG B 72 -13.27 4.44 26.96
CA ARG B 72 -13.65 4.72 28.35
C ARG B 72 -15.00 5.43 28.38
N SER B 73 -15.52 5.92 27.24
CA SER B 73 -16.84 6.58 27.26
C SER B 73 -17.93 5.54 27.19
N GLY B 74 -17.59 4.32 26.79
CA GLY B 74 -18.64 3.31 26.71
C GLY B 74 -18.53 2.37 25.54
N ASN B 75 -19.43 1.39 25.43
CA ASN B 75 -19.34 0.45 24.33
C ASN B 75 -20.28 0.76 23.18
N GLU B 76 -20.34 -0.12 22.18
CA GLU B 76 -21.18 0.14 21.03
C GLU B 76 -22.64 0.25 21.37
N ASN B 77 -23.05 -0.64 22.24
CA ASN B 77 -24.39 -0.69 22.74
C ASN B 77 -24.78 0.70 23.31
N GLU B 78 -23.90 1.22 24.17
CA GLU B 78 -24.15 2.48 24.84
C GLU B 78 -24.06 3.67 23.86
N PHE B 79 -23.14 3.59 22.91
CA PHE B 79 -23.02 4.67 21.93
C PHE B 79 -24.29 4.71 21.07
N ARG B 80 -24.79 3.55 20.62
CA ARG B 80 -26.01 3.52 19.83
C ARG B 80 -27.20 4.07 20.64
N ASP B 81 -27.28 3.71 21.91
CA ASP B 81 -28.35 4.16 22.78
C ASP B 81 -28.31 5.70 22.90
N MET B 82 -27.10 6.23 23.03
CA MET B 82 -26.94 7.67 23.12
C MET B 82 -27.45 8.38 21.86
N VAL B 83 -27.01 7.89 20.70
CA VAL B 83 -27.42 8.53 19.44
C VAL B 83 -28.95 8.53 19.29
N THR B 84 -29.58 7.39 19.52
CA THR B 84 -31.03 7.27 19.40
C THR B 84 -31.82 8.18 20.35
N ARG B 85 -31.46 8.15 21.62
CA ARG B 85 -32.13 8.95 22.64
C ARG B 85 -31.96 10.46 22.41
N CYS B 86 -30.76 10.86 22.00
CA CYS B 86 -30.50 12.27 21.74
C CYS B 86 -31.29 12.73 20.49
N ASN B 87 -31.20 11.96 19.40
CA ASN B 87 -31.96 12.32 18.20
C ASN B 87 -33.44 12.37 18.51
N ASN B 88 -33.92 11.49 19.38
CA ASN B 88 -35.35 11.50 19.65
C ASN B 88 -35.88 12.72 20.35
N VAL B 89 -34.99 13.48 20.98
CA VAL B 89 -35.39 14.73 21.62
C VAL B 89 -34.81 15.94 20.82
N GLY B 90 -34.42 15.68 19.56
CA GLY B 90 -33.93 16.74 18.67
C GLY B 90 -32.51 17.29 18.85
N VAL B 91 -31.62 16.51 19.50
CA VAL B 91 -30.23 16.97 19.70
C VAL B 91 -29.37 16.01 18.85
N ARG B 92 -28.61 16.57 17.90
CA ARG B 92 -27.75 15.76 17.03
C ARG B 92 -26.42 15.37 17.73
N ILE B 93 -25.75 14.38 17.16
CA ILE B 93 -24.45 13.94 17.67
C ILE B 93 -23.45 14.12 16.53
N TYR B 94 -22.30 14.72 16.85
CA TYR B 94 -21.24 14.95 15.86
C TYR B 94 -20.03 14.23 16.43
N VAL B 95 -19.40 13.40 15.59
CA VAL B 95 -18.26 12.60 16.03
C VAL B 95 -16.90 13.20 15.71
N ASP B 96 -15.99 13.18 16.68
CA ASP B 96 -14.61 13.60 16.45
C ASP B 96 -13.95 12.40 15.71
N ALA B 97 -13.76 12.52 14.38
CA ALA B 97 -13.17 11.47 13.51
C ALA B 97 -11.64 11.60 13.44
N VAL B 98 -10.96 10.61 14.03
CA VAL B 98 -9.51 10.60 14.06
C VAL B 98 -9.11 9.66 12.94
N ILE B 99 -8.84 10.24 11.77
CA ILE B 99 -8.58 9.46 10.57
C ILE B 99 -7.21 9.67 9.93
N ASN B 100 -6.41 10.60 10.45
CA ASN B 100 -5.09 10.85 9.91
C ASN B 100 -4.05 9.81 10.31
N HIS B 101 -4.24 9.16 11.45
CA HIS B 101 -3.19 8.31 11.95
C HIS B 101 -3.76 7.26 12.88
N MET B 102 -2.89 6.33 13.31
CA MET B 102 -3.25 5.32 14.33
C MET B 102 -2.46 5.73 15.58
N CYS B 103 -2.04 4.78 16.41
CA CYS B 103 -1.34 5.22 17.61
C CYS B 103 0.17 5.50 17.45
N GLY B 104 0.84 5.79 18.56
CA GLY B 104 2.26 6.08 18.54
C GLY B 104 3.09 4.92 18.01
N SER B 105 4.05 5.25 17.15
CA SER B 105 4.91 4.24 16.55
C SER B 105 5.76 3.57 17.62
N GLY B 106 5.90 4.23 18.76
CA GLY B 106 6.68 3.68 19.86
C GLY B 106 5.88 2.95 20.92
N ALA B 107 4.59 2.78 20.71
CA ALA B 107 3.77 2.09 21.69
C ALA B 107 4.11 0.60 21.73
N ALA B 108 3.86 -0.04 22.88
CA ALA B 108 4.16 -1.48 23.01
C ALA B 108 3.15 -2.39 22.34
N ALA B 109 3.62 -3.47 21.74
CA ALA B 109 2.73 -4.43 21.11
C ALA B 109 2.01 -5.19 22.20
N GLY B 110 0.76 -5.59 21.92
CA GLY B 110 -0.03 -6.33 22.89
C GLY B 110 -1.51 -5.92 22.87
N THR B 111 -2.19 -6.17 23.99
CA THR B 111 -3.61 -5.84 24.10
C THR B 111 -3.92 -4.68 25.07
N GLY B 112 -2.96 -3.77 25.26
CA GLY B 112 -3.13 -2.62 26.13
C GLY B 112 -3.93 -1.59 25.34
N THR B 113 -5.20 -1.91 25.15
CA THR B 113 -6.12 -1.09 24.34
C THR B 113 -7.47 -1.03 25.04
N THR B 114 -8.33 -0.06 24.66
CA THR B 114 -9.60 0.06 25.35
C THR B 114 -10.62 -1.02 25.13
N CYS B 115 -10.43 -1.85 24.10
CA CYS B 115 -11.36 -2.97 23.89
C CYS B 115 -10.59 -4.31 23.93
N GLY B 116 -9.31 -4.24 24.26
CA GLY B 116 -8.48 -5.43 24.31
C GLY B 116 -8.12 -6.00 22.94
N SER B 117 -8.18 -5.19 21.89
CA SER B 117 -7.80 -5.68 20.55
C SER B 117 -6.31 -5.76 20.58
N TYR B 118 -5.72 -6.62 19.75
CA TYR B 118 -4.27 -6.69 19.71
C TYR B 118 -3.74 -5.70 18.66
N CYS B 119 -2.56 -5.19 18.88
CA CYS B 119 -1.91 -4.40 17.86
C CYS B 119 -0.41 -4.47 18.07
N ASN B 120 0.36 -4.18 17.02
CA ASN B 120 1.80 -4.18 17.16
C ASN B 120 2.24 -2.94 16.38
N PRO B 121 2.29 -1.80 17.07
CA PRO B 121 2.68 -0.55 16.41
C PRO B 121 4.00 -0.56 15.67
N GLY B 122 5.00 -1.17 16.29
CA GLY B 122 6.29 -1.23 15.67
C GLY B 122 6.23 -1.93 14.33
N SER B 123 5.38 -2.95 14.21
CA SER B 123 5.26 -3.70 12.98
C SER B 123 4.12 -3.17 12.09
N ARG B 124 3.54 -2.04 12.46
CA ARG B 124 2.45 -1.41 11.70
C ARG B 124 1.28 -2.36 11.54
N GLU B 125 1.05 -3.18 12.56
CA GLU B 125 -0.01 -4.20 12.51
C GLU B 125 -1.20 -3.80 13.41
N PHE B 126 -2.37 -3.63 12.80
CA PHE B 126 -3.61 -3.34 13.49
C PHE B 126 -4.61 -4.33 12.89
N PRO B 127 -4.57 -5.59 13.34
CA PRO B 127 -5.49 -6.58 12.76
C PRO B 127 -6.96 -6.37 12.94
N ALA B 128 -7.34 -5.55 13.92
CA ALA B 128 -8.75 -5.30 14.13
C ALA B 128 -9.41 -4.39 13.11
N VAL B 129 -8.63 -3.81 12.20
CA VAL B 129 -9.20 -2.98 11.15
C VAL B 129 -9.56 -3.76 9.86
N PRO B 130 -8.60 -4.40 9.19
CA PRO B 130 -7.17 -4.50 9.46
C PRO B 130 -6.33 -3.56 8.62
N TYR B 131 -5.24 -3.09 9.21
CA TYR B 131 -4.22 -2.28 8.54
C TYR B 131 -2.89 -3.03 8.70
N SER B 132 -2.03 -2.89 7.69
CA SER B 132 -0.69 -3.48 7.66
C SER B 132 0.29 -2.38 7.24
N ALA B 133 1.58 -2.74 7.15
CA ALA B 133 2.61 -1.77 6.81
C ALA B 133 2.33 -0.98 5.54
N TRP B 134 1.74 -1.60 4.53
CA TRP B 134 1.49 -0.88 3.28
C TRP B 134 0.40 0.17 3.38
N ASP B 135 -0.18 0.28 4.57
CA ASP B 135 -1.27 1.24 4.75
C ASP B 135 -0.79 2.49 5.40
N PHE B 136 0.52 2.62 5.57
CA PHE B 136 1.10 3.80 6.20
C PHE B 136 2.09 4.54 5.29
N ASN B 137 2.45 5.78 5.68
CA ASN B 137 3.33 6.66 4.92
C ASN B 137 4.84 6.60 5.17
N ASP B 138 5.32 5.56 5.83
CA ASP B 138 6.75 5.46 6.10
C ASP B 138 7.68 5.57 4.87
N GLY B 139 7.20 5.18 3.70
CA GLY B 139 8.02 5.31 2.51
C GLY B 139 7.90 6.70 1.89
N LYS B 140 6.74 7.33 2.09
CA LYS B 140 6.45 8.65 1.53
C LYS B 140 7.16 9.84 2.23
N CYS B 141 7.29 9.78 3.55
CA CYS B 141 7.94 10.87 4.30
C CYS B 141 9.41 10.99 3.94
N LYS B 142 9.87 12.23 3.77
CA LYS B 142 11.24 12.52 3.36
C LYS B 142 12.16 13.06 4.45
N THR B 143 11.72 13.14 5.70
CA THR B 143 12.60 13.69 6.71
C THR B 143 13.49 12.61 7.31
N ALA B 144 14.58 13.08 7.89
CA ALA B 144 15.55 12.22 8.52
C ALA B 144 14.92 11.49 9.68
N SER B 145 14.15 12.24 10.46
CA SER B 145 13.52 11.68 11.64
C SER B 145 12.22 10.89 11.46
N GLY B 146 11.55 11.06 10.34
CA GLY B 146 10.29 10.36 10.17
C GLY B 146 9.18 11.27 10.70
N GLY B 147 9.53 12.36 11.39
CA GLY B 147 8.49 13.24 11.89
C GLY B 147 8.48 14.58 11.16
N ILE B 148 7.56 15.45 11.55
CA ILE B 148 7.47 16.78 10.95
C ILE B 148 8.56 17.70 11.53
N GLU B 149 9.45 18.20 10.67
CA GLU B 149 10.54 19.07 11.15
C GLU B 149 10.34 20.55 10.84
N SER B 150 9.47 20.88 9.91
CA SER B 150 9.23 22.26 9.55
C SER B 150 7.80 22.42 9.04
N TYR B 151 7.05 23.34 9.64
CA TYR B 151 5.69 23.58 9.20
C TYR B 151 5.63 24.50 7.99
N ASN B 152 6.78 24.83 7.43
CA ASN B 152 6.75 25.64 6.24
C ASN B 152 6.84 24.77 5.00
N ASP B 153 6.82 23.44 5.21
CA ASP B 153 6.84 22.45 4.12
C ASP B 153 5.62 21.54 4.24
N PRO B 154 4.57 21.85 3.49
CA PRO B 154 3.35 21.06 3.52
C PRO B 154 3.57 19.59 3.27
N TYR B 155 4.62 19.20 2.51
CA TYR B 155 4.73 17.76 2.27
C TYR B 155 5.06 17.06 3.58
N GLN B 156 5.96 17.63 4.39
CA GLN B 156 6.22 16.94 5.65
C GLN B 156 5.04 17.01 6.62
N VAL B 157 4.33 18.14 6.64
CA VAL B 157 3.18 18.23 7.52
C VAL B 157 2.12 17.20 7.21
N ARG B 158 1.98 16.85 5.93
CA ARG B 158 0.98 15.87 5.53
C ARG B 158 1.42 14.41 5.47
N ASP B 159 2.68 14.17 5.18
CA ASP B 159 3.19 12.81 4.99
C ASP B 159 4.03 12.24 6.12
N CYS B 160 4.48 13.06 7.06
CA CYS B 160 5.31 12.54 8.17
C CYS B 160 4.52 12.34 9.46
N GLN B 161 5.16 11.80 10.51
CA GLN B 161 4.49 11.53 11.76
C GLN B 161 4.28 12.76 12.63
N LEU B 162 3.02 12.96 13.01
CA LEU B 162 2.61 14.06 13.87
C LEU B 162 2.89 13.53 15.27
N VAL B 163 3.79 14.16 16.01
CA VAL B 163 4.18 13.73 17.36
C VAL B 163 4.31 12.20 17.48
N GLY B 164 5.04 11.60 16.54
CA GLY B 164 5.27 10.17 16.56
C GLY B 164 4.13 9.21 16.24
N LEU B 165 2.97 9.71 15.83
CA LEU B 165 1.82 8.85 15.51
C LEU B 165 1.95 8.26 14.10
N LEU B 166 1.57 6.98 13.92
CA LEU B 166 1.72 6.32 12.60
C LEU B 166 0.75 6.99 11.61
N ASP B 167 1.31 7.52 10.51
CA ASP B 167 0.53 8.29 9.54
C ASP B 167 -0.08 7.41 8.43
N LEU B 168 -1.40 7.39 8.34
CA LEU B 168 -2.09 6.57 7.38
C LEU B 168 -1.89 7.06 5.94
N ALA B 169 -1.83 6.12 5.00
CA ALA B 169 -1.65 6.42 3.59
C ALA B 169 -2.99 6.78 2.99
N LEU B 170 -3.39 8.03 3.24
CA LEU B 170 -4.70 8.50 2.80
C LEU B 170 -4.94 8.61 1.30
N GLU B 171 -3.92 8.37 0.50
CA GLU B 171 -4.15 8.45 -0.93
C GLU B 171 -4.64 7.10 -1.47
N LYS B 172 -4.48 6.05 -0.66
CA LYS B 172 -4.88 4.69 -1.10
C LYS B 172 -6.36 4.44 -0.95
N ASP B 173 -6.96 3.86 -1.98
CA ASP B 173 -8.37 3.56 -1.89
C ASP B 173 -8.71 2.62 -0.76
N TYR B 174 -7.85 1.66 -0.47
CA TYR B 174 -8.14 0.69 0.62
C TYR B 174 -8.26 1.49 1.95
N VAL B 175 -7.33 2.41 2.18
CA VAL B 175 -7.35 3.23 3.40
C VAL B 175 -8.56 4.16 3.42
N ARG B 176 -8.78 4.85 2.28
CA ARG B 176 -9.91 5.73 2.18
C ARG B 176 -11.22 4.94 2.44
N SER B 177 -11.28 3.70 1.94
CA SER B 177 -12.46 2.86 2.13
C SER B 177 -12.66 2.34 3.53
N MET B 178 -11.60 1.99 4.23
CA MET B 178 -11.76 1.53 5.61
C MET B 178 -12.24 2.69 6.49
N ILE B 179 -11.72 3.90 6.24
CA ILE B 179 -12.16 5.05 7.04
C ILE B 179 -13.63 5.34 6.71
N ALA B 180 -14.00 5.32 5.43
CA ALA B 180 -15.38 5.62 5.09
C ALA B 180 -16.32 4.56 5.63
N ASP B 181 -15.87 3.33 5.74
CA ASP B 181 -16.77 2.27 6.25
C ASP B 181 -17.10 2.57 7.72
N TYR B 182 -16.12 3.07 8.46
CA TYR B 182 -16.28 3.46 9.87
C TYR B 182 -17.24 4.64 9.95
N LEU B 183 -16.99 5.68 9.15
CA LEU B 183 -17.85 6.86 9.20
C LEU B 183 -19.28 6.50 8.78
N ASN B 184 -19.40 5.60 7.81
CA ASN B 184 -20.73 5.23 7.36
C ASN B 184 -21.46 4.38 8.41
N LYS B 185 -20.73 3.60 9.21
CA LYS B 185 -21.39 2.83 10.29
C LYS B 185 -21.99 3.87 11.25
N LEU B 186 -21.21 4.91 11.53
CA LEU B 186 -21.67 5.99 12.39
C LEU B 186 -22.90 6.73 11.83
N ILE B 187 -22.89 7.06 10.52
CA ILE B 187 -24.02 7.73 9.88
C ILE B 187 -25.26 6.84 10.00
N ASP B 188 -25.07 5.54 9.73
CA ASP B 188 -26.22 4.66 9.79
C ASP B 188 -26.79 4.53 11.21
N ILE B 189 -25.97 4.69 12.25
CA ILE B 189 -26.44 4.65 13.62
C ILE B 189 -27.27 5.92 13.92
N GLY B 190 -26.94 7.03 13.22
CA GLY B 190 -27.71 8.27 13.37
C GLY B 190 -26.91 9.54 13.55
N VAL B 191 -25.59 9.49 13.42
CA VAL B 191 -24.74 10.69 13.60
C VAL B 191 -25.06 11.68 12.46
N ALA B 192 -24.99 12.98 12.78
CA ALA B 192 -25.34 14.03 11.81
C ALA B 192 -24.14 14.60 11.07
N GLY B 193 -22.95 14.32 11.57
CA GLY B 193 -21.76 14.93 10.95
C GLY B 193 -20.50 14.66 11.75
N PHE B 194 -19.40 15.25 11.30
CA PHE B 194 -18.10 14.98 11.88
C PHE B 194 -17.18 16.16 11.97
N ARG B 195 -16.36 16.10 13.02
CA ARG B 195 -15.21 17.00 13.18
C ARG B 195 -14.09 16.15 12.57
N ILE B 196 -13.37 16.67 11.57
CA ILE B 196 -12.26 15.90 11.00
C ILE B 196 -10.97 16.37 11.70
N ASP B 197 -10.54 15.55 12.67
CA ASP B 197 -9.36 15.82 13.43
C ASP B 197 -8.11 15.96 12.54
N ALA B 198 -7.22 16.90 12.90
CA ALA B 198 -5.92 17.09 12.28
C ALA B 198 -5.95 17.23 10.79
N SER B 199 -6.88 18.05 10.31
CA SER B 199 -7.04 18.23 8.87
C SER B 199 -5.86 18.81 8.17
N LYS B 200 -5.07 19.66 8.85
CA LYS B 200 -3.91 20.24 8.22
C LYS B 200 -2.92 19.15 7.82
N HIS B 201 -3.04 18.00 8.48
CA HIS B 201 -2.11 16.89 8.27
C HIS B 201 -2.54 15.93 7.18
N MET B 202 -3.56 16.31 6.45
CA MET B 202 -4.06 15.52 5.31
C MET B 202 -4.17 16.42 4.10
N TRP B 203 -4.00 15.85 2.92
CA TRP B 203 -4.12 16.66 1.69
C TRP B 203 -5.62 16.97 1.45
N PRO B 204 -5.95 18.18 0.97
CA PRO B 204 -7.37 18.51 0.76
C PRO B 204 -8.15 17.51 -0.11
N GLY B 205 -7.48 17.01 -1.14
CA GLY B 205 -8.15 16.07 -2.04
C GLY B 205 -8.32 14.72 -1.44
N ASP B 206 -7.43 14.33 -0.52
CA ASP B 206 -7.59 13.00 0.14
C ASP B 206 -8.82 13.08 1.07
N ILE B 207 -9.00 14.22 1.77
CA ILE B 207 -10.18 14.35 2.63
C ILE B 207 -11.43 14.29 1.76
N LYS B 208 -11.45 15.02 0.63
CA LYS B 208 -12.65 15.03 -0.22
C LYS B 208 -12.92 13.62 -0.74
N ALA B 209 -11.87 12.83 -1.02
CA ALA B 209 -12.07 11.45 -1.51
C ALA B 209 -12.81 10.60 -0.47
N VAL B 210 -12.46 10.76 0.80
CA VAL B 210 -13.19 10.06 1.88
C VAL B 210 -14.62 10.60 1.95
N LEU B 211 -14.82 11.92 1.91
CA LEU B 211 -16.15 12.49 1.95
C LEU B 211 -17.08 12.00 0.83
N ASP B 212 -16.52 11.86 -0.36
CA ASP B 212 -17.27 11.39 -1.55
C ASP B 212 -17.92 10.01 -1.30
N LYS B 213 -17.34 9.21 -0.43
CA LYS B 213 -17.84 7.86 -0.11
C LYS B 213 -18.96 7.82 0.95
N LEU B 214 -19.26 8.96 1.59
CA LEU B 214 -20.25 8.95 2.68
C LEU B 214 -21.70 8.89 2.28
N HIS B 215 -22.46 8.11 3.04
CA HIS B 215 -23.90 7.96 2.82
C HIS B 215 -24.69 9.20 3.20
N ASN B 216 -25.92 9.32 2.69
CA ASN B 216 -26.77 10.38 3.13
C ASN B 216 -27.16 10.01 4.58
N LEU B 217 -27.70 10.96 5.33
CA LEU B 217 -28.05 10.73 6.72
C LEU B 217 -29.25 9.81 6.88
N ASN B 218 -29.41 9.23 8.07
CA ASN B 218 -30.48 8.26 8.38
C ASN B 218 -31.86 8.90 8.25
N THR B 219 -32.67 8.41 7.31
CA THR B 219 -33.97 9.06 7.11
C THR B 219 -34.97 8.89 8.24
N ASN B 220 -34.65 8.11 9.26
CA ASN B 220 -35.54 8.01 10.40
C ASN B 220 -35.55 9.35 11.13
N TRP B 221 -34.50 10.14 10.95
CA TRP B 221 -34.42 11.44 11.64
C TRP B 221 -34.13 12.63 10.74
N PHE B 222 -33.72 12.39 9.51
CA PHE B 222 -33.36 13.48 8.63
C PHE B 222 -34.07 13.40 7.30
N PRO B 223 -34.30 14.55 6.66
CA PRO B 223 -34.97 14.37 5.39
C PRO B 223 -34.10 13.60 4.41
N ALA B 224 -34.73 12.96 3.44
CA ALA B 224 -34.05 12.14 2.43
C ALA B 224 -32.53 12.35 2.20
N GLY B 225 -32.23 13.02 1.09
CA GLY B 225 -30.87 13.28 0.63
C GLY B 225 -30.02 14.30 1.38
N SER B 226 -30.04 14.20 2.71
CA SER B 226 -29.28 15.11 3.56
C SER B 226 -27.81 14.66 3.62
N ARG B 227 -26.88 15.60 3.46
CA ARG B 227 -25.44 15.32 3.52
C ARG B 227 -24.87 15.59 4.91
N PRO B 228 -23.93 14.76 5.36
CA PRO B 228 -23.38 15.03 6.71
C PRO B 228 -22.67 16.37 6.81
N PHE B 229 -22.86 17.01 7.97
CA PHE B 229 -22.15 18.27 8.30
C PHE B 229 -20.68 17.89 8.50
N ILE B 230 -19.81 18.68 7.84
CA ILE B 230 -18.37 18.48 7.98
C ILE B 230 -17.66 19.74 8.47
N PHE B 231 -16.96 19.65 9.61
CA PHE B 231 -16.11 20.77 10.04
C PHE B 231 -14.70 20.25 10.27
N GLN B 232 -13.79 20.76 9.48
CA GLN B 232 -12.38 20.35 9.49
C GLN B 232 -11.53 21.12 10.48
N GLU B 233 -10.83 20.42 11.38
CA GLU B 233 -9.97 21.13 12.31
C GLU B 233 -8.64 21.50 11.63
N VAL B 234 -8.50 22.78 11.28
CA VAL B 234 -7.29 23.28 10.66
C VAL B 234 -6.86 24.48 11.51
N ILE B 235 -5.66 24.43 12.08
CA ILE B 235 -5.20 25.56 12.84
C ILE B 235 -4.43 26.50 11.93
N ASP B 236 -4.98 27.67 11.68
CA ASP B 236 -4.34 28.64 10.84
C ASP B 236 -4.54 30.02 11.40
N LEU B 237 -3.49 30.55 12.03
CA LEU B 237 -3.50 31.89 12.58
C LEU B 237 -2.67 32.81 11.68
N GLY B 238 -2.36 32.33 10.48
CA GLY B 238 -1.56 33.10 9.53
C GLY B 238 -0.08 32.83 9.77
N GLY B 239 0.77 33.18 8.81
CA GLY B 239 2.19 32.97 9.01
C GLY B 239 2.80 31.60 8.82
N GLU B 240 2.05 30.66 8.29
CA GLU B 240 2.66 29.36 8.04
C GLU B 240 2.21 28.98 6.64
N ALA B 241 2.82 27.94 6.08
CA ALA B 241 2.54 27.57 4.72
C ALA B 241 1.12 27.13 4.41
N ILE B 242 0.53 26.35 5.28
CA ILE B 242 -0.83 25.85 4.98
C ILE B 242 -1.90 26.83 5.41
N LYS B 243 -2.88 27.08 4.52
CA LYS B 243 -3.95 28.03 4.83
C LYS B 243 -5.30 27.34 4.97
N SER B 244 -6.17 27.90 5.80
CA SER B 244 -7.53 27.36 5.98
C SER B 244 -8.28 27.28 4.66
N SER B 245 -8.05 28.25 3.76
CA SER B 245 -8.77 28.28 2.49
C SER B 245 -8.55 27.04 1.63
N GLU B 246 -7.45 26.32 1.84
CA GLU B 246 -7.21 25.12 1.04
C GLU B 246 -8.31 24.06 1.27
N TYR B 247 -9.07 24.22 2.36
CA TYR B 247 -10.07 23.21 2.73
C TYR B 247 -11.52 23.67 2.56
N PHE B 248 -11.71 24.89 2.04
CA PHE B 248 -13.07 25.41 1.91
C PHE B 248 -14.02 24.61 1.01
N GLY B 249 -13.46 23.94 0.01
CA GLY B 249 -14.32 23.16 -0.91
C GLY B 249 -14.87 21.87 -0.30
N ASN B 250 -14.39 21.45 0.87
CA ASN B 250 -14.81 20.17 1.47
C ASN B 250 -15.90 20.30 2.53
N GLY B 251 -16.02 21.49 3.12
CA GLY B 251 -16.93 21.72 4.23
C GLY B 251 -16.44 22.91 5.07
N ARG B 252 -17.04 23.08 6.26
CA ARG B 252 -16.62 24.17 7.14
C ARG B 252 -15.22 23.86 7.71
N VAL B 253 -14.62 24.94 8.25
CA VAL B 253 -13.30 24.86 8.81
C VAL B 253 -13.32 25.60 10.15
N THR B 254 -12.62 25.04 11.14
CA THR B 254 -12.48 25.72 12.43
C THR B 254 -11.73 27.05 12.23
N GLU B 255 -12.31 28.16 12.68
CA GLU B 255 -11.62 29.48 12.54
C GLU B 255 -10.92 29.81 13.90
N PHE B 256 -9.68 29.36 14.05
CA PHE B 256 -8.94 29.61 15.31
C PHE B 256 -8.58 31.10 15.48
N LYS B 257 -8.67 31.90 14.42
CA LYS B 257 -8.38 33.33 14.60
C LYS B 257 -9.48 33.96 15.47
N TYR B 258 -10.67 33.37 15.45
CA TYR B 258 -11.82 33.94 16.17
C TYR B 258 -11.55 34.07 17.69
N GLY B 259 -11.27 32.95 18.35
CA GLY B 259 -11.02 33.02 19.80
C GLY B 259 -9.73 33.73 20.19
N ALA B 260 -8.73 33.66 19.33
CA ALA B 260 -7.46 34.33 19.62
C ALA B 260 -7.65 35.83 19.61
N LYS B 261 -8.31 36.36 18.57
CA LYS B 261 -8.51 37.78 18.52
C LYS B 261 -9.53 38.24 19.57
N LEU B 262 -10.64 37.49 19.78
CA LEU B 262 -11.67 37.93 20.74
C LEU B 262 -11.10 37.94 22.15
N GLY B 263 -10.22 36.97 22.46
CA GLY B 263 -9.63 36.94 23.79
C GLY B 263 -8.73 38.17 23.97
N THR B 264 -7.94 38.49 22.96
CA THR B 264 -7.06 39.64 23.06
C THR B 264 -7.88 40.92 23.27
N VAL B 265 -8.99 41.04 22.56
CA VAL B 265 -9.82 42.23 22.68
C VAL B 265 -10.51 42.34 24.03
N VAL B 266 -11.15 41.26 24.47
CA VAL B 266 -11.86 41.29 25.74
C VAL B 266 -10.86 41.49 26.90
N ARG B 267 -9.62 41.03 26.74
CA ARG B 267 -8.65 41.22 27.84
C ARG B 267 -8.02 42.63 27.74
N LYS B 268 -8.29 43.35 26.65
CA LYS B 268 -7.73 44.69 26.42
C LYS B 268 -6.20 44.68 26.35
N TRP B 269 -5.67 43.62 25.72
CA TRP B 269 -4.24 43.46 25.48
C TRP B 269 -3.90 44.05 24.12
N SER B 270 -2.62 44.35 23.93
CA SER B 270 -2.14 44.86 22.66
C SER B 270 -2.85 46.09 22.14
N GLY B 271 -3.36 46.93 23.04
CA GLY B 271 -4.02 48.15 22.64
C GLY B 271 -5.44 47.98 22.13
N GLU B 272 -5.95 46.76 22.18
CA GLU B 272 -7.27 46.50 21.63
C GLU B 272 -8.38 47.03 22.54
N LYS B 273 -9.51 47.38 21.94
CA LYS B 273 -10.68 47.88 22.67
C LYS B 273 -11.93 47.23 22.09
N MET B 274 -12.96 47.05 22.91
CA MET B 274 -14.16 46.42 22.42
C MET B 274 -14.84 47.22 21.31
N SER B 275 -14.73 48.55 21.34
CA SER B 275 -15.37 49.35 20.31
C SER B 275 -14.82 48.98 18.93
N TYR B 276 -13.69 48.30 18.88
CA TYR B 276 -13.10 47.94 17.58
C TYR B 276 -13.84 46.77 16.92
N LEU B 277 -14.73 46.10 17.67
CA LEU B 277 -15.46 44.98 17.16
C LEU B 277 -16.65 45.37 16.25
N LYS B 278 -16.83 46.67 15.98
CA LYS B 278 -17.96 47.08 15.12
C LYS B 278 -18.00 46.27 13.81
N ASN B 279 -16.81 46.07 13.23
CA ASN B 279 -16.68 45.34 11.98
C ASN B 279 -16.24 43.88 12.16
N TRP B 280 -16.53 43.31 13.33
CA TRP B 280 -16.18 41.90 13.61
C TRP B 280 -16.62 40.98 12.48
N GLY B 281 -15.83 39.95 12.22
CA GLY B 281 -16.11 38.98 11.16
C GLY B 281 -15.11 39.10 10.00
N GLU B 282 -15.66 39.09 8.79
CA GLU B 282 -14.80 39.20 7.61
C GLU B 282 -13.96 40.48 7.65
N GLY B 283 -14.45 41.51 8.33
CA GLY B 283 -13.69 42.74 8.47
C GLY B 283 -12.36 42.62 9.22
N TRP B 284 -12.26 41.59 10.06
CA TRP B 284 -11.03 41.32 10.80
C TRP B 284 -10.11 40.35 10.05
N GLY B 285 -10.51 39.99 8.84
CA GLY B 285 -9.69 39.11 8.03
C GLY B 285 -9.99 37.61 8.17
N PHE B 286 -11.12 37.30 8.81
CA PHE B 286 -11.50 35.90 8.98
C PHE B 286 -12.06 35.31 7.67
N MET B 287 -12.19 33.99 7.66
CA MET B 287 -12.73 33.27 6.50
C MET B 287 -14.23 33.61 6.37
N PRO B 288 -14.82 33.32 5.22
CA PRO B 288 -16.26 33.63 5.08
C PRO B 288 -17.09 32.99 6.18
N SER B 289 -18.09 33.72 6.67
CA SER B 289 -18.99 33.21 7.71
C SER B 289 -19.61 31.86 7.35
N ASP B 290 -19.99 31.71 6.08
CA ASP B 290 -20.60 30.50 5.57
C ASP B 290 -19.67 29.26 5.59
N ARG B 291 -18.38 29.45 5.87
CA ARG B 291 -17.44 28.32 5.97
C ARG B 291 -16.92 28.14 7.40
N ALA B 292 -17.31 29.03 8.33
CA ALA B 292 -16.71 29.01 9.67
C ALA B 292 -17.41 28.26 10.77
N LEU B 293 -16.62 27.53 11.56
CA LEU B 293 -17.07 26.86 12.78
C LEU B 293 -16.27 27.70 13.85
N VAL B 294 -17.01 28.44 14.72
CA VAL B 294 -16.34 29.36 15.68
C VAL B 294 -16.51 28.95 17.12
N PHE B 295 -15.64 29.47 17.97
CA PHE B 295 -15.61 29.06 19.39
C PHE B 295 -14.64 29.95 20.13
N VAL B 296 -14.81 30.09 21.45
CA VAL B 296 -13.88 30.93 22.24
C VAL B 296 -12.62 30.13 22.58
N ASP B 297 -12.81 28.89 22.99
CA ASP B 297 -11.70 27.98 23.32
C ASP B 297 -12.09 26.53 22.93
N ASN B 298 -11.08 25.68 22.74
CA ASN B 298 -11.37 24.27 22.52
C ASN B 298 -10.60 23.43 23.56
N HIS B 299 -10.68 22.11 23.49
CA HIS B 299 -10.03 21.29 24.52
C HIS B 299 -8.50 21.39 24.56
N ASP B 300 -7.90 21.70 23.42
CA ASP B 300 -6.46 21.86 23.40
C ASP B 300 -5.98 23.22 23.82
N ASN B 301 -6.55 24.30 23.26
CA ASN B 301 -6.01 25.59 23.64
C ASN B 301 -6.46 26.12 24.99
N GLN B 302 -7.42 25.45 25.61
CA GLN B 302 -7.83 25.91 26.95
C GLN B 302 -6.74 25.52 27.94
N ARG B 303 -5.77 24.76 27.48
CA ARG B 303 -4.64 24.40 28.36
C ARG B 303 -3.49 25.43 28.28
N GLY B 304 -3.73 26.48 27.49
CA GLY B 304 -2.81 27.61 27.43
C GLY B 304 -1.64 27.73 26.51
N HIS B 305 -1.28 26.65 25.83
CA HIS B 305 -0.15 26.74 24.89
C HIS B 305 -0.56 26.18 23.54
N GLY B 306 -1.82 26.47 23.18
CA GLY B 306 -2.35 26.03 21.91
C GLY B 306 -2.44 27.23 20.98
N ALA B 307 -3.36 27.14 20.04
CA ALA B 307 -3.56 28.23 19.10
C ALA B 307 -4.10 29.44 19.85
N GLY B 308 -3.32 30.53 19.91
CA GLY B 308 -3.79 31.72 20.62
C GLY B 308 -3.06 31.92 21.94
N GLY B 309 -2.30 30.90 22.33
CA GLY B 309 -1.55 31.02 23.57
C GLY B 309 -2.32 31.51 24.79
N SER B 310 -1.69 32.45 25.49
CA SER B 310 -2.24 32.98 26.70
C SER B 310 -3.46 33.88 26.48
N SER B 311 -3.73 34.31 25.24
CA SER B 311 -4.91 35.17 25.07
C SER B 311 -6.25 34.44 25.15
N ILE B 312 -6.22 33.15 24.94
CA ILE B 312 -7.44 32.33 24.96
C ILE B 312 -8.13 32.38 26.33
N LEU B 313 -9.40 32.75 26.33
CA LEU B 313 -10.22 32.82 27.54
C LEU B 313 -10.81 31.44 27.80
N THR B 314 -10.83 31.06 29.08
CA THR B 314 -11.38 29.76 29.47
C THR B 314 -12.18 29.95 30.78
N PHE B 315 -12.76 28.87 31.28
CA PHE B 315 -13.52 28.94 32.52
C PHE B 315 -12.70 29.40 33.71
N TRP B 316 -11.37 29.28 33.64
CA TRP B 316 -10.52 29.77 34.74
C TRP B 316 -10.62 31.32 34.81
N ASP B 317 -10.99 31.93 33.67
CA ASP B 317 -11.16 33.39 33.54
C ASP B 317 -12.65 33.67 33.33
N ALA B 318 -13.51 32.95 34.07
CA ALA B 318 -14.96 32.94 33.92
C ALA B 318 -15.65 34.25 33.65
N ARG B 319 -15.25 35.34 34.33
CA ARG B 319 -15.99 36.60 34.10
C ARG B 319 -15.82 37.09 32.68
N LEU B 320 -14.58 37.10 32.17
CA LEU B 320 -14.29 37.58 30.80
C LEU B 320 -14.72 36.47 29.81
N TYR B 321 -14.67 35.22 30.21
CA TYR B 321 -15.10 34.15 29.33
C TYR B 321 -16.58 34.31 28.99
N LYS B 322 -17.40 34.59 30.01
CA LYS B 322 -18.84 34.77 29.75
C LYS B 322 -19.08 35.96 28.80
N ILE B 323 -18.29 37.02 28.92
CA ILE B 323 -18.51 38.14 28.01
C ILE B 323 -18.15 37.71 26.57
N ALA B 324 -17.05 36.97 26.40
CA ALA B 324 -16.65 36.56 25.03
C ALA B 324 -17.67 35.59 24.43
N VAL B 325 -18.07 34.60 25.20
CA VAL B 325 -19.04 33.65 24.69
C VAL B 325 -20.37 34.37 24.38
N GLY B 326 -20.71 35.36 25.20
CA GLY B 326 -21.96 36.12 25.02
C GLY B 326 -21.90 36.92 23.73
N PHE B 327 -20.77 37.55 23.48
CA PHE B 327 -20.60 38.31 22.24
C PHE B 327 -20.67 37.39 21.04
N MET B 328 -20.00 36.25 21.11
CA MET B 328 -20.02 35.32 19.98
C MET B 328 -21.44 34.80 19.71
N LEU B 329 -22.18 34.41 20.75
CA LEU B 329 -23.52 33.85 20.55
C LEU B 329 -24.51 34.91 20.00
N ALA B 330 -24.29 36.19 20.30
CA ALA B 330 -25.19 37.25 19.76
C ALA B 330 -24.80 37.67 18.33
N HIS B 331 -23.53 37.54 17.93
CA HIS B 331 -23.08 38.05 16.64
C HIS B 331 -23.38 37.06 15.53
N PRO B 332 -23.79 37.55 14.33
CA PRO B 332 -24.12 36.65 13.24
C PRO B 332 -23.04 35.80 12.61
N TYR B 333 -21.79 36.16 12.84
CA TYR B 333 -20.71 35.43 12.18
C TYR B 333 -20.52 33.98 12.63
N GLY B 334 -20.52 33.07 11.65
CA GLY B 334 -20.22 31.66 11.92
C GLY B 334 -21.27 30.77 12.54
N PHE B 335 -20.98 29.47 12.58
CA PHE B 335 -21.85 28.50 13.27
C PHE B 335 -21.08 28.29 14.62
N THR B 336 -21.81 28.42 15.72
CA THR B 336 -21.18 28.41 17.06
C THR B 336 -21.07 27.07 17.83
N ARG B 337 -19.90 26.88 18.43
CA ARG B 337 -19.60 25.70 19.29
C ARG B 337 -19.19 26.15 20.67
N VAL B 338 -19.88 25.63 21.70
CA VAL B 338 -19.60 25.97 23.11
C VAL B 338 -18.85 24.77 23.73
N MET B 339 -17.93 25.06 24.64
CA MET B 339 -17.10 24.06 25.30
C MET B 339 -17.64 23.68 26.67
N SER B 340 -17.46 22.42 27.06
CA SER B 340 -17.85 21.98 28.40
C SER B 340 -16.63 21.20 28.85
N SER B 341 -16.12 21.52 30.03
CA SER B 341 -14.83 20.99 30.49
C SER B 341 -14.84 20.28 31.81
N TYR B 342 -13.67 19.73 32.17
CA TYR B 342 -13.47 19.20 33.54
C TYR B 342 -12.34 19.99 34.18
N ARG B 343 -12.33 20.05 35.53
CA ARG B 343 -11.30 20.83 36.21
C ARG B 343 -10.10 19.93 36.50
N TRP B 344 -8.91 20.51 36.59
CA TRP B 344 -7.68 19.76 36.94
C TRP B 344 -6.75 20.73 37.71
N ALA B 345 -5.61 20.23 38.23
CA ALA B 345 -4.72 21.13 38.94
C ALA B 345 -3.65 21.69 38.02
N ARG B 346 -3.71 22.98 37.73
CA ARG B 346 -2.71 23.59 36.86
C ARG B 346 -1.40 23.85 37.63
N ASN B 347 -0.28 23.75 36.93
CA ASN B 347 1.02 23.99 37.56
C ASN B 347 1.97 24.59 36.53
N PHE B 348 1.97 25.91 36.45
CA PHE B 348 2.79 26.64 35.50
C PHE B 348 4.25 26.79 35.90
N VAL B 349 5.13 26.20 35.12
CA VAL B 349 6.53 26.34 35.41
C VAL B 349 7.09 26.92 34.14
N ASN B 350 7.57 28.15 34.27
CA ASN B 350 8.12 28.86 33.12
C ASN B 350 7.05 29.08 32.06
N GLY B 351 5.82 29.37 32.48
CA GLY B 351 4.74 29.65 31.55
C GLY B 351 3.97 28.51 30.91
N GLU B 352 4.48 27.29 31.11
CA GLU B 352 3.85 26.09 30.57
C GLU B 352 3.23 25.30 31.72
N ASP B 353 2.01 24.81 31.53
CA ASP B 353 1.31 24.02 32.56
C ASP B 353 1.81 22.58 32.43
N VAL B 354 2.63 22.12 33.38
CA VAL B 354 3.12 20.74 33.28
C VAL B 354 2.10 19.66 33.65
N ASN B 355 0.91 20.06 34.09
CA ASN B 355 -0.12 19.07 34.37
C ASN B 355 -1.21 19.11 33.29
N ASP B 356 -0.93 19.74 32.15
CA ASP B 356 -1.95 19.85 31.08
C ASP B 356 -2.40 18.51 30.47
N TRP B 357 -1.73 17.42 30.86
CA TRP B 357 -2.02 16.10 30.32
C TRP B 357 -3.11 15.38 31.08
N ILE B 358 -3.35 15.82 32.31
CA ILE B 358 -4.31 15.15 33.15
C ILE B 358 -5.61 14.87 32.46
N GLY B 359 -6.03 13.60 32.60
CA GLY B 359 -7.27 13.08 32.02
C GLY B 359 -8.54 13.46 32.79
N PRO B 360 -9.71 12.98 32.32
CA PRO B 360 -11.01 13.25 32.93
C PRO B 360 -11.14 12.65 34.31
N PRO B 361 -12.04 13.23 35.12
CA PRO B 361 -12.30 12.77 36.50
C PRO B 361 -12.47 11.27 36.47
N ASN B 362 -11.82 10.56 37.41
CA ASN B 362 -11.92 9.10 37.33
C ASN B 362 -11.62 8.48 38.70
N ASN B 363 -12.01 7.21 38.82
CA ASN B 363 -11.79 6.36 39.98
C ASN B 363 -11.00 5.16 39.44
N ASN B 364 -9.70 5.16 39.69
CA ASN B 364 -8.89 4.04 39.22
C ASN B 364 -9.00 3.85 37.71
N GLY B 365 -9.04 4.98 36.99
CA GLY B 365 -9.11 4.90 35.54
C GLY B 365 -10.48 4.84 34.92
N VAL B 366 -11.55 4.68 35.72
CA VAL B 366 -12.90 4.66 35.18
C VAL B 366 -13.50 6.07 35.30
N ILE B 367 -13.87 6.66 34.16
CA ILE B 367 -14.45 7.99 34.15
C ILE B 367 -15.68 8.14 35.07
N LYS B 368 -15.67 9.18 35.92
CA LYS B 368 -16.78 9.44 36.86
C LYS B 368 -18.03 9.90 36.14
N GLU B 369 -19.20 9.52 36.65
CA GLU B 369 -20.43 9.97 36.03
C GLU B 369 -20.58 11.46 36.30
N VAL B 370 -21.46 12.10 35.54
CA VAL B 370 -21.72 13.53 35.74
C VAL B 370 -22.86 13.64 36.75
N THR B 371 -22.59 14.25 37.90
CA THR B 371 -23.63 14.42 38.87
C THR B 371 -24.20 15.82 38.75
N ILE B 372 -25.51 15.92 38.92
CA ILE B 372 -26.23 17.20 38.87
C ILE B 372 -26.72 17.68 40.24
N ASN B 373 -26.33 18.89 40.64
CA ASN B 373 -26.77 19.48 41.92
C ASN B 373 -28.09 20.27 41.72
N ALA B 374 -28.79 20.58 42.80
CA ALA B 374 -30.08 21.28 42.65
C ALA B 374 -29.93 22.67 42.02
N ASP B 375 -28.83 23.36 42.27
CA ASP B 375 -28.71 24.67 41.64
C ASP B 375 -28.41 24.50 40.16
N THR B 376 -28.49 23.24 39.73
CA THR B 376 -28.23 22.83 38.35
C THR B 376 -26.75 22.82 37.99
N THR B 377 -25.86 22.94 38.98
CA THR B 377 -24.44 22.88 38.68
C THR B 377 -24.11 21.38 38.65
N CYS B 378 -22.86 21.05 38.33
CA CYS B 378 -22.43 19.67 38.29
C CYS B 378 -21.39 19.41 39.38
N GLY B 379 -21.25 18.14 39.74
CA GLY B 379 -20.24 17.73 40.70
C GLY B 379 -19.21 16.82 40.03
N ASN B 380 -18.45 16.07 40.81
CA ASN B 380 -17.46 15.12 40.26
C ASN B 380 -16.38 15.71 39.31
N ASP B 381 -16.06 16.98 39.57
CA ASP B 381 -15.05 17.76 38.89
C ASP B 381 -15.41 18.24 37.48
N TRP B 382 -16.62 17.96 37.03
CA TRP B 382 -17.06 18.46 35.72
C TRP B 382 -17.42 19.97 35.88
N VAL B 383 -16.98 20.83 34.97
CA VAL B 383 -17.29 22.26 35.06
C VAL B 383 -18.65 22.63 34.51
N CYS B 384 -19.10 21.95 33.46
CA CYS B 384 -20.42 22.20 32.91
C CYS B 384 -20.71 23.66 32.58
N GLU B 385 -19.80 24.26 31.81
CA GLU B 385 -19.99 25.65 31.39
C GLU B 385 -21.31 25.81 30.64
N HIS B 386 -21.77 24.74 29.96
CA HIS B 386 -22.99 24.78 29.16
C HIS B 386 -24.27 24.93 30.01
N ARG B 387 -24.11 24.72 31.30
CA ARG B 387 -25.20 24.94 32.25
C ARG B 387 -25.12 26.32 32.91
N TRP B 388 -24.08 27.08 32.67
CA TRP B 388 -24.06 28.38 33.31
C TRP B 388 -25.22 29.19 32.71
N ARG B 389 -26.01 29.85 33.55
CA ARG B 389 -27.20 30.61 33.05
C ARG B 389 -26.82 31.55 31.94
N GLU B 390 -25.69 32.22 32.12
CA GLU B 390 -25.27 33.20 31.13
C GLU B 390 -24.97 32.60 29.77
N ILE B 391 -24.48 31.36 29.75
CA ILE B 391 -24.18 30.73 28.46
C ILE B 391 -25.42 30.06 27.91
N ARG B 392 -26.06 29.26 28.74
CA ARG B 392 -27.31 28.63 28.34
C ARG B 392 -28.38 29.60 27.77
N ASN B 393 -28.51 30.76 28.39
CA ASN B 393 -29.53 31.71 27.90
C ASN B 393 -29.06 32.39 26.63
N MET B 394 -27.74 32.46 26.41
CA MET B 394 -27.25 33.03 25.15
C MET B 394 -27.35 32.01 24.02
N VAL B 395 -27.35 30.73 24.34
CA VAL B 395 -27.56 29.72 23.28
C VAL B 395 -29.04 29.85 22.87
N TRP B 396 -29.95 30.14 23.82
CA TRP B 396 -31.39 30.33 23.47
C TRP B 396 -31.57 31.67 22.67
N PHE B 397 -30.84 32.71 23.07
CA PHE B 397 -30.88 34.00 22.36
C PHE B 397 -30.55 33.76 20.89
N ARG B 398 -29.50 32.98 20.62
CA ARG B 398 -29.12 32.78 19.17
C ARG B 398 -30.23 32.12 18.36
N ASN B 399 -30.93 31.18 18.99
CA ASN B 399 -32.06 30.52 18.35
C ASN B 399 -33.17 31.55 18.03
N VAL B 400 -33.51 32.37 19.02
CA VAL B 400 -34.55 33.39 18.88
C VAL B 400 -34.29 34.40 17.79
N VAL B 401 -33.04 34.82 17.64
CA VAL B 401 -32.77 35.84 16.61
C VAL B 401 -32.46 35.26 15.23
N ASP B 402 -32.43 33.94 15.09
CA ASP B 402 -32.03 33.37 13.80
C ASP B 402 -32.54 34.03 12.53
N GLY B 403 -31.57 34.50 11.77
CA GLY B 403 -31.73 35.20 10.52
C GLY B 403 -31.74 36.72 10.57
N GLN B 404 -32.09 37.29 11.71
CA GLN B 404 -32.19 38.74 11.83
C GLN B 404 -30.80 39.40 11.67
N PRO B 405 -30.74 40.55 10.97
CA PRO B 405 -29.49 41.27 10.73
C PRO B 405 -28.86 42.02 11.90
N PHE B 406 -27.55 42.13 11.88
CA PHE B 406 -26.77 42.94 12.84
C PHE B 406 -27.35 44.35 12.63
N ALA B 407 -27.73 45.00 13.72
CA ALA B 407 -28.38 46.31 13.66
C ALA B 407 -28.09 47.16 14.89
N ASN B 408 -28.36 48.46 14.80
CA ASN B 408 -28.27 49.33 15.97
C ASN B 408 -26.99 49.27 16.80
N TRP B 409 -25.85 49.28 16.12
CA TRP B 409 -24.59 49.29 16.86
C TRP B 409 -24.35 50.62 17.56
N TRP B 410 -23.83 50.55 18.77
CA TRP B 410 -23.44 51.77 19.52
C TRP B 410 -22.11 51.46 20.24
N ASP B 411 -21.32 52.50 20.45
CA ASP B 411 -20.15 52.33 21.28
C ASP B 411 -19.76 53.67 21.89
N ASN B 412 -18.99 53.64 22.98
CA ASN B 412 -18.58 54.86 23.67
C ASN B 412 -17.17 55.30 23.33
N GLY B 413 -16.65 54.76 22.22
CA GLY B 413 -15.27 55.06 21.79
C GLY B 413 -14.18 54.35 22.59
N SER B 414 -14.58 53.50 23.52
CA SER B 414 -13.63 52.76 24.37
C SER B 414 -14.03 51.30 24.45
N ASN B 415 -14.56 50.88 25.60
CA ASN B 415 -14.92 49.47 25.79
C ASN B 415 -16.38 49.18 26.13
N GLN B 416 -17.28 50.13 25.86
CA GLN B 416 -18.70 49.91 26.07
C GLN B 416 -19.27 49.84 24.65
N VAL B 417 -20.02 48.76 24.37
CA VAL B 417 -20.63 48.54 23.03
C VAL B 417 -22.01 47.87 23.17
N ALA B 418 -22.84 47.96 22.13
CA ALA B 418 -24.15 47.30 22.14
C ALA B 418 -24.58 47.09 20.70
N PHE B 419 -25.39 46.09 20.45
CA PHE B 419 -25.96 45.87 19.12
C PHE B 419 -27.17 44.95 19.20
N GLY B 420 -27.98 44.96 18.14
CA GLY B 420 -29.13 44.10 18.11
C GLY B 420 -29.15 43.17 16.89
N ARG B 421 -30.14 42.33 16.86
CA ARG B 421 -30.40 41.46 15.71
C ARG B 421 -31.83 41.70 15.27
N GLY B 422 -31.93 42.51 14.23
CA GLY B 422 -33.23 42.93 13.70
C GLY B 422 -34.11 43.44 14.82
N ASN B 423 -35.34 42.94 14.88
CA ASN B 423 -36.23 43.34 15.91
C ASN B 423 -36.46 42.24 16.96
N ARG B 424 -35.51 41.30 17.10
CA ARG B 424 -35.69 40.14 18.02
C ARG B 424 -34.76 40.03 19.21
N GLY B 425 -33.65 40.77 19.18
CA GLY B 425 -32.75 40.70 20.35
C GLY B 425 -31.83 41.90 20.43
N PHE B 426 -31.27 42.17 21.62
CA PHE B 426 -30.36 43.30 21.77
C PHE B 426 -29.42 42.96 22.94
N ILE B 427 -28.17 43.41 22.87
CA ILE B 427 -27.16 43.09 23.92
C ILE B 427 -26.26 44.29 24.15
N VAL B 428 -25.86 44.48 25.40
CA VAL B 428 -25.10 45.66 25.82
C VAL B 428 -23.96 45.23 26.73
N PHE B 429 -22.76 45.69 26.40
CA PHE B 429 -21.57 45.30 27.17
C PHE B 429 -20.83 46.46 27.78
N ASN B 430 -20.42 46.31 29.04
CA ASN B 430 -19.55 47.33 29.66
C ASN B 430 -18.21 46.69 30.04
N ASN B 431 -17.19 46.87 29.21
CA ASN B 431 -15.86 46.33 29.53
C ASN B 431 -14.89 47.45 29.89
N ASP B 432 -15.41 48.60 30.31
CA ASP B 432 -14.55 49.71 30.75
C ASP B 432 -14.47 49.72 32.29
N ASP B 433 -13.54 50.50 32.82
CA ASP B 433 -13.38 50.58 34.27
C ASP B 433 -14.20 51.72 34.88
N TRP B 434 -15.43 51.87 34.42
CA TRP B 434 -16.30 52.89 34.95
C TRP B 434 -17.71 52.50 34.57
N GLN B 435 -18.69 53.17 35.18
CA GLN B 435 -20.08 52.81 34.94
C GLN B 435 -20.62 53.08 33.54
N LEU B 436 -21.51 52.19 33.07
CA LEU B 436 -22.19 52.39 31.78
C LEU B 436 -23.56 52.92 32.19
N SER B 437 -23.92 54.07 31.62
CA SER B 437 -25.22 54.66 31.90
C SER B 437 -25.64 55.38 30.62
N SER B 438 -26.47 54.71 29.84
CA SER B 438 -26.86 55.30 28.55
C SER B 438 -28.22 54.81 28.12
N THR B 439 -28.92 55.64 27.32
CA THR B 439 -30.23 55.28 26.80
C THR B 439 -30.00 54.97 25.32
N LEU B 440 -30.29 53.73 24.95
CA LEU B 440 -30.00 53.22 23.60
C LEU B 440 -31.18 52.71 22.81
N GLN B 441 -31.13 52.88 21.47
CA GLN B 441 -32.19 52.34 20.62
C GLN B 441 -31.94 50.81 20.51
N THR B 442 -32.93 50.03 20.92
CA THR B 442 -32.79 48.55 20.93
C THR B 442 -33.33 47.82 19.70
N GLY B 443 -34.20 48.51 18.94
CA GLY B 443 -34.81 47.90 17.80
C GLY B 443 -35.98 47.00 18.15
N LEU B 444 -36.26 46.86 19.46
CA LEU B 444 -37.29 45.97 19.92
C LEU B 444 -38.62 46.66 20.22
N PRO B 445 -39.72 45.91 20.16
CA PRO B 445 -41.04 46.48 20.47
C PRO B 445 -41.06 46.90 21.98
N GLY B 446 -41.86 47.91 22.33
CA GLY B 446 -41.93 48.31 23.74
C GLY B 446 -42.42 47.20 24.67
N GLY B 447 -41.93 47.24 25.90
CA GLY B 447 -42.31 46.24 26.89
C GLY B 447 -41.28 46.05 27.97
N THR B 448 -41.60 45.13 28.89
CA THR B 448 -40.65 44.78 30.00
C THR B 448 -39.98 43.50 29.56
N TYR B 449 -38.64 43.54 29.52
CA TYR B 449 -37.91 42.36 29.08
C TYR B 449 -37.03 41.87 30.21
N CYS B 450 -37.01 40.56 30.41
CA CYS B 450 -36.10 40.04 31.43
C CYS B 450 -34.65 39.96 30.86
N ASP B 451 -33.68 40.46 31.61
CA ASP B 451 -32.29 40.35 31.19
C ASP B 451 -31.96 38.85 31.40
N VAL B 452 -31.59 38.16 30.32
CA VAL B 452 -31.34 36.71 30.45
C VAL B 452 -29.95 36.38 30.95
N ILE B 453 -29.13 37.38 31.17
CA ILE B 453 -27.77 37.13 31.70
C ILE B 453 -27.88 37.02 33.23
N SER B 454 -28.67 37.91 33.87
CA SER B 454 -28.83 37.90 35.36
C SER B 454 -30.00 37.09 35.87
N GLY B 455 -30.89 36.65 34.97
CA GLY B 455 -32.05 35.93 35.40
C GLY B 455 -32.80 35.25 34.26
N ASP B 456 -34.04 34.86 34.54
CA ASP B 456 -34.93 34.17 33.58
C ASP B 456 -36.36 34.68 33.69
N LYS B 457 -37.14 34.50 32.61
CA LYS B 457 -38.57 34.81 32.63
C LYS B 457 -39.22 33.56 33.19
N VAL B 458 -40.04 33.72 34.23
CA VAL B 458 -40.76 32.58 34.82
C VAL B 458 -42.23 33.04 34.91
N GLY B 459 -43.06 32.48 34.04
CA GLY B 459 -44.46 32.91 34.00
C GLY B 459 -44.41 34.38 33.65
N ASN B 460 -45.20 35.22 34.32
CA ASN B 460 -45.11 36.63 33.95
C ASN B 460 -44.27 37.41 34.98
N SER B 461 -43.05 36.95 35.16
CA SER B 461 -42.14 37.61 36.07
C SER B 461 -40.72 37.32 35.60
N CYS B 462 -39.79 38.13 36.11
CA CYS B 462 -38.37 37.98 35.78
C CYS B 462 -37.65 37.66 37.07
N THR B 463 -36.65 36.76 37.03
CA THR B 463 -35.90 36.47 38.27
C THR B 463 -34.63 37.35 38.44
N GLY B 464 -34.29 38.12 37.40
CA GLY B 464 -33.16 39.02 37.47
C GLY B 464 -33.54 40.43 37.06
N ILE B 465 -32.60 41.15 36.50
CA ILE B 465 -32.85 42.51 36.04
C ILE B 465 -33.97 42.58 34.99
N LYS B 466 -34.76 43.67 35.12
CA LYS B 466 -35.83 44.00 34.17
C LYS B 466 -35.35 45.21 33.37
N VAL B 467 -35.52 45.16 32.05
CA VAL B 467 -35.17 46.29 31.16
C VAL B 467 -36.49 46.81 30.60
N TYR B 468 -36.73 48.11 30.72
CA TYR B 468 -37.98 48.69 30.25
C TYR B 468 -37.71 49.35 28.88
N VAL B 469 -38.27 48.79 27.83
CA VAL B 469 -38.10 49.36 26.50
C VAL B 469 -39.33 50.23 26.26
N SER B 470 -39.07 51.48 25.94
CA SER B 470 -40.16 52.44 25.71
C SER B 470 -40.89 52.18 24.39
N SER B 471 -42.01 52.85 24.19
CA SER B 471 -42.79 52.64 22.98
C SER B 471 -41.99 52.98 21.73
N ASP B 472 -40.89 53.72 21.85
CA ASP B 472 -40.06 54.10 20.69
C ASP B 472 -38.83 53.24 20.49
N GLY B 473 -38.76 52.18 21.27
CA GLY B 473 -37.62 51.29 21.10
C GLY B 473 -36.44 51.59 22.00
N THR B 474 -36.40 52.74 22.66
CA THR B 474 -35.25 53.07 23.52
C THR B 474 -35.37 52.52 24.94
N ALA B 475 -34.23 52.26 25.56
CA ALA B 475 -34.18 51.76 26.93
C ALA B 475 -32.95 52.30 27.62
N GLN B 476 -33.10 52.59 28.91
CA GLN B 476 -31.94 53.08 29.68
C GLN B 476 -31.25 51.83 30.27
N PHE B 477 -29.92 51.79 30.12
CA PHE B 477 -29.11 50.68 30.67
C PHE B 477 -28.16 51.24 31.68
N SER B 478 -28.02 50.54 32.84
CA SER B 478 -27.13 51.00 33.89
C SER B 478 -26.39 49.74 34.32
N ILE B 479 -25.10 49.68 33.99
CA ILE B 479 -24.26 48.50 34.28
C ILE B 479 -22.95 48.90 34.91
N SER B 480 -22.75 48.46 36.16
CA SER B 480 -21.52 48.74 36.89
C SER B 480 -20.37 47.90 36.33
N ASN B 481 -19.16 48.46 36.31
CA ASN B 481 -18.02 47.71 35.86
C ASN B 481 -17.73 46.59 36.87
N SER B 482 -18.37 46.65 38.03
CA SER B 482 -18.21 45.58 39.02
C SER B 482 -19.43 44.71 39.23
N ALA B 483 -20.35 44.75 38.28
CA ALA B 483 -21.54 43.88 38.35
C ALA B 483 -21.16 42.43 38.23
N GLU B 484 -22.06 41.53 38.64
CA GLU B 484 -21.81 40.07 38.55
C GLU B 484 -21.33 39.77 37.13
N ASP B 485 -22.10 40.25 36.16
CA ASP B 485 -21.75 40.08 34.75
C ASP B 485 -21.96 41.50 34.21
N PRO B 486 -20.92 42.08 33.60
CA PRO B 486 -21.00 43.44 33.06
C PRO B 486 -21.65 43.54 31.68
N PHE B 487 -22.68 42.73 31.46
CA PHE B 487 -23.41 42.83 30.19
C PHE B 487 -24.84 42.40 30.39
N ILE B 488 -25.74 42.88 29.50
CA ILE B 488 -27.17 42.58 29.60
C ILE B 488 -27.67 42.16 28.23
N ALA B 489 -28.56 41.17 28.17
CA ALA B 489 -29.16 40.71 26.93
C ALA B 489 -30.66 40.45 27.05
N ILE B 490 -31.43 40.89 26.04
CA ILE B 490 -32.88 40.72 26.02
C ILE B 490 -33.34 40.26 24.62
N HIS B 491 -34.45 39.55 24.57
CA HIS B 491 -34.93 39.09 23.25
C HIS B 491 -36.43 38.87 23.27
N ALA B 492 -36.97 38.59 22.09
CA ALA B 492 -38.40 38.43 21.96
C ALA B 492 -39.04 37.45 22.90
N GLU B 493 -38.33 36.38 23.26
CA GLU B 493 -38.94 35.41 24.15
C GLU B 493 -38.69 35.70 25.61
N SER B 494 -38.01 36.81 25.90
CA SER B 494 -37.80 37.18 27.31
C SER B 494 -38.72 38.37 27.67
N LYS B 495 -39.60 38.74 26.73
CA LYS B 495 -40.56 39.81 27.01
C LYS B 495 -41.77 39.34 27.86
N LEU B 496 -42.14 40.12 28.86
CA LEU B 496 -43.31 39.75 29.64
C LEU B 496 -44.58 40.15 28.85
N VAL C 2 19.19 2.51 5.67
CA VAL C 2 19.78 1.15 5.72
C VAL C 2 21.14 1.21 5.00
N GLN C 3 22.19 0.65 5.60
CA GLN C 3 23.50 0.67 4.98
C GLN C 3 24.09 -0.72 5.01
N LEU C 4 24.86 -1.05 4.00
CA LEU C 4 25.53 -2.35 3.94
C LEU C 4 26.95 -2.19 4.53
N VAL C 5 27.30 -3.01 5.52
CA VAL C 5 28.62 -2.98 6.12
C VAL C 5 29.27 -4.37 5.97
N GLU C 6 30.42 -4.46 5.28
CA GLU C 6 31.12 -5.72 5.06
C GLU C 6 32.48 -5.68 5.69
N SER C 7 32.87 -6.77 6.34
CA SER C 7 34.20 -6.82 6.96
C SER C 7 34.83 -8.21 7.05
N GLY C 8 36.10 -8.24 7.48
CA GLY C 8 36.77 -9.51 7.70
C GLY C 8 37.84 -9.96 6.75
N GLY C 9 38.02 -9.22 5.67
CA GLY C 9 39.02 -9.59 4.67
C GLY C 9 40.45 -9.63 5.18
N GLY C 10 41.34 -10.34 4.49
CA GLY C 10 42.73 -10.37 4.96
C GLY C 10 43.57 -11.30 4.13
N THR C 11 44.81 -11.50 4.57
CA THR C 11 45.73 -12.40 3.88
C THR C 11 46.21 -13.45 4.87
N VAL C 12 45.99 -14.73 4.56
CA VAL C 12 46.38 -15.84 5.40
C VAL C 12 47.04 -16.88 4.50
N PRO C 13 47.81 -17.77 5.08
CA PRO C 13 48.44 -18.80 4.26
C PRO C 13 47.45 -19.92 4.07
N ALA C 14 47.72 -20.72 3.05
CA ALA C 14 46.88 -21.86 2.76
C ALA C 14 46.68 -22.65 4.04
N GLY C 15 45.46 -23.11 4.26
CA GLY C 15 45.14 -23.87 5.45
C GLY C 15 44.59 -23.01 6.59
N GLY C 16 44.78 -21.69 6.48
CA GLY C 16 44.29 -20.80 7.53
C GLY C 16 42.78 -20.54 7.45
N SER C 17 42.30 -19.62 8.30
CA SER C 17 40.87 -19.27 8.35
C SER C 17 40.67 -17.75 8.38
N LEU C 18 39.46 -17.36 7.97
CA LEU C 18 39.02 -15.99 8.04
C LEU C 18 37.51 -16.05 8.23
N ARG C 19 36.94 -14.99 8.79
CA ARG C 19 35.50 -14.95 8.93
C ARG C 19 34.98 -13.62 8.40
N LEU C 20 34.18 -13.68 7.33
CA LEU C 20 33.58 -12.47 6.80
C LEU C 20 32.29 -12.13 7.54
N SER C 21 31.97 -10.83 7.63
CA SER C 21 30.72 -10.39 8.28
C SER C 21 29.93 -9.50 7.32
N CYS C 22 28.60 -9.59 7.34
CA CYS C 22 27.80 -8.74 6.50
C CYS C 22 26.63 -8.24 7.35
N ALA C 23 26.29 -6.96 7.26
CA ALA C 23 25.12 -6.45 7.99
C ALA C 23 24.41 -5.46 7.13
N ALA C 24 23.08 -5.49 7.18
CA ALA C 24 22.23 -4.57 6.44
C ALA C 24 21.37 -3.99 7.51
N SER C 25 21.96 -3.01 8.20
CA SER C 25 21.39 -2.31 9.33
C SER C 25 20.85 -0.89 9.12
N GLY C 26 20.01 -0.52 10.06
CA GLY C 26 19.39 0.77 10.05
C GLY C 26 17.87 0.79 10.02
N ASN C 27 17.22 -0.36 9.83
CA ASN C 27 15.76 -0.35 9.81
C ASN C 27 15.33 -1.78 10.04
N THR C 28 15.09 -2.05 11.31
CA THR C 28 14.80 -3.38 11.78
C THR C 28 13.48 -4.00 11.31
N LEU C 29 12.61 -3.21 10.68
CA LEU C 29 11.34 -3.74 10.17
C LEU C 29 11.65 -4.52 8.88
N CYS C 30 12.70 -4.12 8.16
CA CYS C 30 13.09 -4.81 6.92
C CYS C 30 13.73 -6.15 7.24
N THR C 31 13.64 -7.09 6.28
CA THR C 31 14.23 -8.41 6.44
C THR C 31 15.02 -8.75 5.21
N TYR C 32 16.30 -8.99 5.39
CA TYR C 32 17.22 -9.34 4.29
C TYR C 32 17.81 -10.76 4.40
N ASP C 33 17.75 -11.49 3.29
CA ASP C 33 18.33 -12.83 3.16
C ASP C 33 19.82 -12.48 2.70
N MET C 34 20.81 -13.28 3.04
CA MET C 34 22.18 -12.91 2.67
C MET C 34 22.91 -13.94 1.81
N SER C 35 23.51 -13.49 0.70
CA SER C 35 24.25 -14.41 -0.12
C SER C 35 25.61 -13.84 -0.56
N TRP C 36 26.66 -14.60 -0.35
CA TRP C 36 28.01 -14.18 -0.72
C TRP C 36 28.38 -14.73 -2.10
N TYR C 37 29.02 -13.88 -2.89
CA TYR C 37 29.55 -14.20 -4.21
C TYR C 37 31.04 -13.86 -4.11
N ARG C 38 31.82 -14.38 -5.04
CA ARG C 38 33.25 -14.03 -5.07
C ARG C 38 33.71 -13.88 -6.52
N ARG C 39 34.65 -12.97 -6.72
CA ARG C 39 35.19 -12.69 -8.07
C ARG C 39 36.71 -12.76 -8.07
N ALA C 40 37.25 -13.77 -8.71
CA ALA C 40 38.72 -13.91 -8.81
C ALA C 40 39.14 -13.11 -10.05
N PRO C 41 40.39 -12.59 -10.10
CA PRO C 41 40.75 -11.81 -11.31
C PRO C 41 40.50 -12.66 -12.57
N GLY C 42 39.90 -12.07 -13.58
CA GLY C 42 39.63 -12.80 -14.81
C GLY C 42 38.48 -13.79 -14.75
N LYS C 43 37.83 -13.95 -13.60
CA LYS C 43 36.68 -14.86 -13.54
C LYS C 43 35.43 -14.02 -13.31
N GLY C 44 34.27 -14.64 -13.27
CA GLY C 44 33.12 -13.78 -13.02
C GLY C 44 32.81 -13.74 -11.54
N ARG C 45 31.76 -13.01 -11.20
CA ARG C 45 31.34 -12.89 -9.80
C ARG C 45 30.31 -14.02 -9.59
N ASP C 46 30.74 -15.07 -8.88
CA ASP C 46 29.98 -16.32 -8.70
C ASP C 46 29.47 -16.50 -7.34
N PHE C 47 28.32 -17.16 -7.23
CA PHE C 47 27.76 -17.43 -5.92
C PHE C 47 28.58 -18.47 -5.14
N VAL C 48 28.76 -18.26 -3.82
CA VAL C 48 29.45 -19.27 -3.02
C VAL C 48 28.64 -19.77 -1.84
N SER C 49 27.91 -18.90 -1.15
CA SER C 49 27.18 -19.41 0.01
C SER C 49 26.04 -18.48 0.37
N GLY C 50 24.93 -19.02 0.86
CA GLY C 50 23.86 -18.13 1.25
C GLY C 50 23.00 -18.69 2.36
N ILE C 51 22.22 -17.80 2.99
CA ILE C 51 21.33 -18.23 4.07
C ILE C 51 20.11 -17.33 4.12
N ASP C 52 18.92 -17.92 4.32
CA ASP C 52 17.78 -17.08 4.40
C ASP C 52 17.35 -16.84 5.83
N ASN C 53 16.28 -16.06 5.98
CA ASN C 53 15.82 -15.73 7.33
C ASN C 53 15.37 -16.88 8.21
N ASP C 54 15.01 -18.00 7.59
CA ASP C 54 14.58 -19.17 8.32
C ASP C 54 15.74 -20.10 8.62
N GLY C 55 16.96 -19.66 8.32
CA GLY C 55 18.13 -20.47 8.56
C GLY C 55 18.50 -21.52 7.50
N THR C 56 17.80 -21.51 6.37
CA THR C 56 18.12 -22.48 5.33
C THR C 56 19.38 -22.08 4.58
N THR C 57 20.36 -22.97 4.60
CA THR C 57 21.65 -22.71 3.94
C THR C 57 21.81 -23.32 2.54
N THR C 58 22.64 -22.69 1.73
CA THR C 58 22.98 -23.18 0.39
C THR C 58 24.49 -22.96 0.20
N TYR C 59 25.22 -24.01 -0.19
CA TYR C 59 26.65 -23.84 -0.48
C TYR C 59 27.00 -24.36 -1.87
N VAL C 60 27.96 -23.70 -2.53
CA VAL C 60 28.44 -24.25 -3.81
C VAL C 60 29.34 -25.47 -3.46
N ASP C 61 29.41 -26.46 -4.34
CA ASP C 61 30.16 -27.65 -3.98
C ASP C 61 31.64 -27.44 -3.63
N SER C 62 32.28 -26.47 -4.28
CA SER C 62 33.71 -26.29 -4.02
C SER C 62 34.05 -25.84 -2.59
N VAL C 63 33.08 -25.30 -1.84
CA VAL C 63 33.34 -24.85 -0.46
C VAL C 63 32.63 -25.68 0.60
N ALA C 64 31.86 -26.67 0.18
CA ALA C 64 31.15 -27.50 1.13
C ALA C 64 32.07 -28.19 2.14
N GLY C 65 31.66 -28.14 3.41
CA GLY C 65 32.46 -28.77 4.45
C GLY C 65 33.62 -27.90 4.92
N ARG C 66 33.94 -26.83 4.19
CA ARG C 66 35.04 -25.92 4.59
C ARG C 66 34.49 -24.56 5.00
N PHE C 67 33.41 -24.13 4.34
CA PHE C 67 32.79 -22.85 4.66
C PHE C 67 31.53 -23.11 5.46
N THR C 68 31.25 -22.24 6.44
CA THR C 68 30.03 -22.36 7.22
C THR C 68 29.39 -20.96 7.29
N ILE C 69 28.17 -20.84 6.77
CA ILE C 69 27.44 -19.57 6.83
C ILE C 69 26.41 -19.63 7.97
N SER C 70 26.26 -18.53 8.70
CA SER C 70 25.32 -18.48 9.81
C SER C 70 24.77 -17.09 9.99
N GLN C 71 23.65 -17.01 10.71
CA GLN C 71 23.03 -15.74 11.06
C GLN C 71 23.88 -15.22 12.18
N GLY C 72 24.18 -13.94 12.05
CA GLY C 72 25.04 -13.27 12.98
C GLY C 72 24.33 -12.90 14.24
N ASN C 73 25.02 -11.99 14.90
CA ASN C 73 24.63 -11.41 16.15
C ASN C 73 23.17 -10.92 16.28
N ALA C 74 22.62 -10.36 15.22
CA ALA C 74 21.26 -9.86 15.26
C ALA C 74 20.60 -10.06 13.93
N LYS C 75 19.31 -9.71 13.83
CA LYS C 75 18.62 -9.77 12.54
C LYS C 75 19.42 -9.07 11.48
N ASN C 76 19.28 -9.47 10.25
CA ASN C 76 19.96 -8.80 9.14
C ASN C 76 21.47 -8.76 9.22
N THR C 77 22.05 -9.79 9.81
CA THR C 77 23.49 -9.96 9.95
C THR C 77 23.83 -11.40 9.63
N ALA C 78 25.02 -11.63 9.09
CA ALA C 78 25.44 -12.99 8.77
C ALA C 78 26.95 -13.09 8.83
N TYR C 79 27.45 -14.30 9.00
CA TYR C 79 28.89 -14.55 9.01
C TYR C 79 29.20 -15.64 8.04
N LEU C 80 30.38 -15.57 7.44
CA LEU C 80 30.91 -16.63 6.55
C LEU C 80 32.22 -17.10 7.11
N GLN C 81 32.19 -18.21 7.86
CA GLN C 81 33.42 -18.78 8.45
C GLN C 81 34.12 -19.59 7.38
N MET C 82 35.29 -19.14 6.97
CA MET C 82 36.05 -19.83 5.92
C MET C 82 37.25 -20.58 6.49
N ASP C 83 37.16 -21.91 6.59
CA ASP C 83 38.29 -22.70 7.11
C ASP C 83 39.03 -23.49 6.01
N SER C 84 40.21 -24.03 6.31
CA SER C 84 40.96 -24.80 5.31
C SER C 84 41.03 -24.06 3.98
N LEU C 85 41.36 -22.78 4.05
CA LEU C 85 41.46 -21.98 2.87
C LEU C 85 42.49 -22.45 1.88
N LYS C 86 42.14 -22.40 0.61
CA LYS C 86 43.03 -22.85 -0.46
C LYS C 86 43.41 -21.68 -1.31
N PRO C 87 44.55 -21.78 -1.99
CA PRO C 87 44.86 -20.61 -2.81
C PRO C 87 43.78 -20.23 -3.84
N ASP C 88 43.00 -21.20 -4.31
CA ASP C 88 41.93 -20.90 -5.27
C ASP C 88 40.72 -20.18 -4.64
N ASP C 89 40.77 -19.98 -3.32
CA ASP C 89 39.68 -19.26 -2.65
C ASP C 89 39.97 -17.77 -2.72
N THR C 90 41.17 -17.41 -3.19
CA THR C 90 41.55 -16.00 -3.33
C THR C 90 40.60 -15.25 -4.28
N ALA C 91 40.06 -14.12 -3.85
CA ALA C 91 39.12 -13.37 -4.67
C ALA C 91 38.59 -12.17 -3.85
N MET C 92 37.83 -11.30 -4.52
CA MET C 92 37.12 -10.22 -3.83
C MET C 92 35.77 -10.83 -3.45
N TYR C 93 35.38 -10.84 -2.15
CA TYR C 93 34.07 -11.41 -1.74
C TYR C 93 33.02 -10.31 -1.55
N TYR C 94 31.80 -10.54 -2.03
CA TYR C 94 30.73 -9.55 -1.94
C TYR C 94 29.49 -10.14 -1.30
N CYS C 95 28.94 -9.48 -0.30
CA CYS C 95 27.69 -9.94 0.34
C CYS C 95 26.59 -9.19 -0.37
N LYS C 96 25.56 -9.92 -0.81
CA LYS C 96 24.46 -9.28 -1.48
C LYS C 96 23.21 -9.57 -0.62
N PRO C 97 22.71 -8.56 0.08
CA PRO C 97 21.51 -8.73 0.91
C PRO C 97 20.30 -8.62 -0.01
N SER C 98 19.39 -9.61 0.06
CA SER C 98 18.19 -9.50 -0.80
C SER C 98 16.96 -9.29 0.11
N LEU C 99 16.12 -8.31 -0.24
CA LEU C 99 14.92 -7.92 0.55
C LEU C 99 13.92 -9.09 0.44
N ARG C 100 13.54 -9.63 1.57
CA ARG C 100 12.66 -10.81 1.61
C ARG C 100 11.18 -10.52 1.37
N TYR C 101 10.76 -9.36 1.85
CA TYR C 101 9.35 -8.91 1.74
C TYR C 101 9.36 -7.43 1.40
N GLY C 102 8.55 -6.98 0.47
CA GLY C 102 8.55 -5.55 0.15
C GLY C 102 7.74 -4.79 1.20
N LEU C 103 8.25 -3.64 1.66
CA LEU C 103 7.55 -2.83 2.66
C LEU C 103 7.91 -1.39 2.40
N PRO C 104 7.03 -0.44 2.77
CA PRO C 104 7.34 0.98 2.55
C PRO C 104 8.60 1.37 3.33
N GLY C 105 9.51 1.99 2.59
CA GLY C 105 10.86 2.43 3.01
C GLY C 105 11.93 1.37 3.38
N CYS C 106 11.74 0.21 2.84
CA CYS C 106 12.73 -0.82 2.97
C CYS C 106 13.37 -0.80 1.57
N PRO C 107 14.63 -0.35 1.47
CA PRO C 107 15.33 -0.25 0.20
C PRO C 107 15.92 -1.52 -0.33
N ILE C 108 16.13 -1.51 -1.64
CA ILE C 108 16.82 -2.61 -2.30
C ILE C 108 18.29 -2.17 -2.10
N ILE C 109 19.13 -3.07 -1.62
CA ILE C 109 20.56 -2.71 -1.39
C ILE C 109 21.40 -3.12 -2.59
N PRO C 110 22.18 -2.19 -3.16
CA PRO C 110 23.07 -2.43 -4.31
C PRO C 110 24.36 -3.13 -3.87
N TRP C 111 25.06 -3.74 -4.81
CA TRP C 111 26.32 -4.39 -4.53
C TRP C 111 27.18 -3.38 -3.83
N GLY C 112 27.91 -3.84 -2.81
CA GLY C 112 28.83 -2.93 -2.16
C GLY C 112 30.24 -3.17 -2.73
N GLN C 113 31.26 -2.70 -2.01
CA GLN C 113 32.64 -2.92 -2.43
C GLN C 113 33.28 -4.24 -2.08
N GLY C 114 32.64 -4.98 -1.18
CA GLY C 114 33.21 -6.26 -0.84
C GLY C 114 34.40 -6.18 0.09
N THR C 115 35.08 -7.32 0.20
CA THR C 115 36.25 -7.49 1.04
C THR C 115 37.24 -8.33 0.27
N GLN C 116 38.53 -8.09 0.50
CA GLN C 116 39.55 -8.85 -0.20
C GLN C 116 40.05 -10.02 0.61
N VAL C 117 40.11 -11.18 -0.03
CA VAL C 117 40.61 -12.38 0.63
C VAL C 117 41.77 -12.91 -0.18
N THR C 118 42.97 -12.98 0.40
CA THR C 118 44.14 -13.51 -0.30
C THR C 118 44.69 -14.71 0.47
N VAL C 119 44.83 -15.85 -0.21
CA VAL C 119 45.31 -17.00 0.45
C VAL C 119 46.67 -17.37 -0.03
N SER C 120 47.51 -17.52 1.00
CA SER C 120 48.90 -17.95 1.05
C SER C 120 49.83 -16.94 1.65
N GLN D 1 9.00 21.44 -12.96
CA GLN D 1 8.94 22.88 -12.84
C GLN D 1 7.52 23.29 -13.10
N VAL D 2 7.04 23.75 -12.12
CA VAL D 2 5.73 24.36 -12.09
C VAL D 2 5.95 25.76 -11.51
N GLN D 3 5.43 26.77 -12.21
CA GLN D 3 5.57 28.16 -11.73
C GLN D 3 4.24 28.90 -11.73
N LEU D 4 4.17 29.88 -10.85
CA LEU D 4 3.01 30.71 -10.72
C LEU D 4 3.05 31.83 -11.78
N VAL D 5 1.90 32.07 -12.41
CA VAL D 5 1.73 33.15 -13.39
C VAL D 5 0.51 33.93 -12.92
N GLU D 6 0.67 35.24 -12.67
CA GLU D 6 -0.43 36.11 -12.22
C GLU D 6 -0.54 37.32 -13.13
N SER D 7 -1.75 37.71 -13.50
CA SER D 7 -1.82 38.91 -14.32
C SER D 7 -3.17 39.53 -14.25
N GLY D 8 -3.26 40.76 -14.73
CA GLY D 8 -4.52 41.33 -14.72
C GLY D 8 -4.90 42.74 -14.21
N GLY D 9 -4.62 43.21 -13.50
CA GLY D 9 -4.35 44.46 -12.80
C GLY D 9 -4.47 45.78 -13.63
N GLY D 10 -5.04 46.75 -13.00
CA GLY D 10 -5.13 48.08 -13.63
C GLY D 10 -5.98 49.02 -12.82
N THR D 11 -6.30 50.15 -13.46
CA THR D 11 -7.22 51.11 -12.88
C THR D 11 -8.51 51.14 -13.69
N VAL D 12 -9.64 51.33 -13.07
CA VAL D 12 -10.96 51.16 -13.67
C VAL D 12 -11.90 52.11 -12.93
N PRO D 13 -12.85 52.71 -13.62
CA PRO D 13 -13.80 53.60 -12.97
C PRO D 13 -14.71 52.81 -12.01
N ALA D 14 -15.23 53.50 -11.00
CA ALA D 14 -16.17 52.88 -10.09
C ALA D 14 -17.33 52.33 -10.96
N GLY D 15 -17.76 51.11 -10.68
CA GLY D 15 -18.82 50.48 -11.47
C GLY D 15 -18.27 49.66 -12.64
N GLY D 16 -16.96 49.77 -12.88
CA GLY D 16 -16.31 49.06 -13.98
C GLY D 16 -16.02 47.59 -13.76
N SER D 17 -15.34 46.97 -14.73
CA SER D 17 -15.02 45.54 -14.64
C SER D 17 -13.57 45.29 -14.99
N LEU D 18 -13.00 44.22 -14.47
CA LEU D 18 -11.61 43.77 -14.68
C LEU D 18 -11.56 42.25 -14.51
N ARG D 19 -10.74 41.55 -15.29
CA ARG D 19 -10.56 40.10 -15.10
C ARG D 19 -9.11 39.82 -14.72
N LEU D 20 -8.91 39.16 -13.57
CA LEU D 20 -7.57 38.76 -13.14
C LEU D 20 -7.32 37.29 -13.58
N SER D 21 -6.09 36.93 -13.81
CA SER D 21 -5.81 35.57 -14.25
C SER D 21 -4.72 34.92 -13.42
N CYS D 22 -4.80 33.59 -13.24
CA CYS D 22 -3.75 32.90 -12.47
C CYS D 22 -3.55 31.49 -13.04
N ALA D 23 -2.30 31.02 -13.00
CA ALA D 23 -2.00 29.66 -13.45
C ALA D 23 -0.85 29.11 -12.61
N ALA D 24 -0.89 27.80 -12.36
CA ALA D 24 0.23 27.08 -11.70
C ALA D 24 0.61 26.22 -12.93
N SER D 25 1.51 26.79 -13.71
CA SER D 25 1.91 26.29 -15.01
C SER D 25 3.12 25.40 -15.13
N GLY D 26 2.96 24.28 -15.87
CA GLY D 26 4.07 23.38 -16.11
C GLY D 26 3.89 21.87 -16.04
N ASN D 27 2.82 21.43 -15.38
CA ASN D 27 2.65 19.97 -15.26
C ASN D 27 1.20 19.63 -15.00
N THR D 28 0.48 19.23 -16.06
CA THR D 28 -0.92 18.90 -15.87
C THR D 28 -1.20 17.65 -15.04
N LEU D 29 -0.17 16.90 -14.68
CA LEU D 29 -0.40 15.75 -13.78
C LEU D 29 -0.72 16.26 -12.36
N CYS D 30 -0.26 17.47 -12.01
CA CYS D 30 -0.56 18.06 -10.67
C CYS D 30 -1.97 18.66 -10.71
N THR D 31 -2.59 18.78 -9.53
CA THR D 31 -3.90 19.39 -9.40
C THR D 31 -3.84 20.48 -8.36
N TYR D 32 -4.03 21.72 -8.81
CA TYR D 32 -4.02 22.85 -7.89
C TYR D 32 -5.39 23.52 -7.80
N ASP D 33 -5.87 23.77 -6.58
CA ASP D 33 -7.09 24.56 -6.32
C ASP D 33 -6.66 26.00 -6.26
N MET D 34 -7.55 26.92 -6.53
CA MET D 34 -7.15 28.32 -6.74
C MET D 34 -7.91 29.26 -5.79
N SER D 35 -7.18 30.14 -5.12
CA SER D 35 -7.77 31.12 -4.16
C SER D 35 -7.15 32.46 -4.22
N TRP D 36 -7.95 33.48 -4.48
CA TRP D 36 -7.42 34.88 -4.51
C TRP D 36 -7.55 35.54 -3.13
N TYR D 37 -6.54 36.35 -2.74
CA TYR D 37 -6.59 37.10 -1.49
C TYR D 37 -6.28 38.54 -1.92
N ARG D 38 -6.56 39.51 -1.08
CA ARG D 38 -6.23 40.92 -1.42
C ARG D 38 -5.78 41.67 -0.19
N ARG D 39 -4.87 42.65 -0.40
CA ARG D 39 -4.34 43.47 0.71
C ARG D 39 -4.61 44.96 0.38
N ALA D 40 -5.59 45.51 1.09
CA ALA D 40 -5.99 46.90 0.92
C ALA D 40 -5.03 47.76 1.76
N PRO D 41 -4.98 49.06 1.48
CA PRO D 41 -4.12 50.01 2.19
C PRO D 41 -4.15 49.80 3.71
N GLY D 42 -2.95 49.62 4.28
CA GLY D 42 -2.82 49.42 5.71
C GLY D 42 -3.61 48.27 6.32
N LYS D 43 -3.95 47.27 5.52
CA LYS D 43 -4.70 46.14 6.05
C LYS D 43 -3.93 44.86 5.84
N GLY D 44 -4.53 43.75 6.23
CA GLY D 44 -3.84 42.50 6.01
C GLY D 44 -4.28 41.88 4.69
N ARG D 45 -3.67 40.79 4.36
CA ARG D 45 -3.91 40.00 3.16
C ARG D 45 -5.03 38.99 3.48
N ASP D 46 -6.24 39.27 2.96
CA ASP D 46 -7.48 38.54 3.28
C ASP D 46 -7.98 37.74 2.09
N PHE D 47 -8.66 36.66 2.44
CA PHE D 47 -9.24 35.82 1.42
C PHE D 47 -10.43 36.52 0.75
N VAL D 48 -10.54 36.39 -0.59
CA VAL D 48 -11.69 36.94 -1.31
C VAL D 48 -12.54 35.91 -2.10
N SER D 49 -11.88 34.95 -2.78
CA SER D 49 -12.64 33.99 -3.60
C SER D 49 -11.81 32.75 -3.84
N GLY D 50 -12.46 31.59 -3.94
CA GLY D 50 -11.68 30.38 -4.23
C GLY D 50 -12.53 29.36 -4.96
N ILE D 51 -11.85 28.41 -5.60
CA ILE D 51 -12.55 27.33 -6.32
C ILE D 51 -11.71 26.07 -6.27
N ASP D 52 -12.36 24.92 -6.10
CA ASP D 52 -11.57 23.68 -6.10
C ASP D 52 -11.75 22.85 -7.36
N ASN D 53 -11.06 21.70 -7.40
CA ASN D 53 -11.05 20.93 -8.63
C ASN D 53 -12.44 20.37 -9.03
N ASP D 54 -13.31 20.21 -8.07
CA ASP D 54 -14.65 19.69 -8.31
C ASP D 54 -15.62 20.84 -8.61
N GLY D 55 -15.07 22.06 -8.78
CA GLY D 55 -15.87 23.23 -9.10
C GLY D 55 -16.67 23.95 -8.01
N THR D 56 -16.36 23.62 -6.76
CA THR D 56 -17.06 24.23 -5.63
C THR D 56 -16.44 25.62 -5.39
N THR D 57 -17.27 26.65 -5.41
CA THR D 57 -16.79 28.02 -5.23
C THR D 57 -17.08 28.51 -3.82
N THR D 58 -16.25 29.45 -3.35
CA THR D 58 -16.42 30.07 -2.07
C THR D 58 -16.09 31.55 -2.21
N TYR D 59 -17.00 32.42 -1.79
CA TYR D 59 -16.79 33.88 -1.84
C TYR D 59 -16.99 34.55 -0.51
N VAL D 60 -16.25 35.64 -0.28
CA VAL D 60 -16.47 36.51 0.90
C VAL D 60 -17.80 37.22 0.62
N ASP D 61 -18.59 37.53 1.64
CA ASP D 61 -19.89 38.17 1.42
C ASP D 61 -19.79 39.52 0.68
N SER D 62 -18.71 40.26 0.91
CA SER D 62 -18.58 41.58 0.32
C SER D 62 -18.47 41.56 -1.20
N VAL D 63 -18.18 40.39 -1.81
CA VAL D 63 -18.04 40.29 -3.28
C VAL D 63 -19.06 39.39 -3.93
N ALA D 64 -19.89 38.73 -3.12
CA ALA D 64 -20.89 37.85 -3.72
C ALA D 64 -21.82 38.61 -4.64
N GLY D 65 -22.09 38.03 -5.81
CA GLY D 65 -22.96 38.67 -6.81
C GLY D 65 -22.21 39.63 -7.72
N ARG D 66 -20.98 39.98 -7.34
CA ARG D 66 -20.13 40.89 -8.13
C ARG D 66 -18.92 40.21 -8.71
N PHE D 67 -18.24 39.37 -7.93
CA PHE D 67 -17.07 38.66 -8.45
C PHE D 67 -17.50 37.23 -8.84
N THR D 68 -16.89 36.71 -9.89
CA THR D 68 -17.15 35.33 -10.31
C THR D 68 -15.80 34.66 -10.53
N ILE D 69 -15.54 33.53 -9.86
CA ILE D 69 -14.28 32.79 -10.07
C ILE D 69 -14.60 31.53 -10.86
N SER D 70 -13.74 31.15 -11.75
CA SER D 70 -13.89 29.97 -12.63
C SER D 70 -12.58 29.29 -12.90
N GLN D 71 -12.65 28.05 -13.33
CA GLN D 71 -11.46 27.42 -13.92
C GLN D 71 -11.34 27.88 -15.34
N GLY D 72 -10.10 28.06 -15.82
CA GLY D 72 -9.99 28.51 -17.22
C GLY D 72 -9.98 27.32 -18.17
N ASN D 73 -9.66 27.57 -19.45
CA ASN D 73 -9.71 26.46 -20.38
C ASN D 73 -8.69 25.36 -20.16
N ALA D 74 -7.62 25.61 -19.43
CA ALA D 74 -6.62 24.58 -19.19
C ALA D 74 -6.60 24.26 -17.71
N LYS D 75 -6.34 23.00 -17.38
CA LYS D 75 -6.24 22.60 -16.00
C LYS D 75 -5.15 23.44 -15.34
N ASN D 76 -5.38 23.74 -14.07
CA ASN D 76 -4.47 24.54 -13.26
C ASN D 76 -4.40 26.01 -13.67
N THR D 77 -5.50 26.45 -14.39
CA THR D 77 -5.76 27.89 -14.65
C THR D 77 -7.05 28.34 -14.08
N ALA D 78 -7.10 29.64 -13.80
CA ALA D 78 -8.35 30.15 -13.24
C ALA D 78 -8.41 31.64 -13.51
N TYR D 79 -9.63 32.17 -13.41
CA TYR D 79 -9.81 33.60 -13.56
C TYR D 79 -10.81 34.10 -12.56
N LEU D 80 -10.65 35.40 -12.24
CA LEU D 80 -11.54 36.08 -11.31
C LEU D 80 -12.13 37.28 -12.09
N GLN D 81 -13.40 37.18 -12.50
CA GLN D 81 -14.06 38.26 -13.22
C GLN D 81 -14.69 39.16 -12.19
N MET D 82 -14.16 40.37 -12.08
CA MET D 82 -14.67 41.34 -11.12
C MET D 82 -15.58 42.38 -11.77
N ASP D 83 -16.86 42.35 -11.45
CA ASP D 83 -17.80 43.31 -12.02
C ASP D 83 -18.32 44.26 -10.95
N SER D 84 -19.00 45.34 -11.37
CA SER D 84 -19.55 46.30 -10.42
C SER D 84 -18.53 46.72 -9.37
N LEU D 85 -17.32 47.03 -9.83
CA LEU D 85 -16.24 47.36 -8.92
C LEU D 85 -16.52 48.59 -8.06
N LYS D 86 -16.08 48.53 -6.81
CA LYS D 86 -16.27 49.61 -5.81
C LYS D 86 -14.92 50.17 -5.39
N PRO D 87 -14.90 51.46 -4.96
CA PRO D 87 -13.61 51.98 -4.55
C PRO D 87 -12.97 51.13 -3.44
N ASP D 88 -13.80 50.51 -2.60
CA ASP D 88 -13.28 49.66 -1.52
C ASP D 88 -12.70 48.31 -2.00
N ASP D 89 -12.80 48.07 -3.32
CA ASP D 89 -12.20 46.84 -3.88
C ASP D 89 -10.73 47.14 -4.24
N THR D 90 -10.29 48.39 -4.06
CA THR D 90 -8.92 48.76 -4.36
C THR D 90 -7.94 48.01 -3.45
N ALA D 91 -6.97 47.32 -4.06
CA ALA D 91 -6.01 46.54 -3.29
C ALA D 91 -4.99 45.87 -4.17
N MET D 92 -3.97 45.31 -3.59
CA MET D 92 -3.01 44.41 -4.24
C MET D 92 -3.62 43.02 -4.17
N TYR D 93 -3.89 42.35 -5.29
CA TYR D 93 -4.54 41.00 -5.29
C TYR D 93 -3.49 39.94 -5.55
N TYR D 94 -3.59 38.82 -4.85
CA TYR D 94 -2.64 37.72 -4.98
C TYR D 94 -3.35 36.39 -5.17
N CYS D 95 -2.91 35.64 -6.17
CA CYS D 95 -3.42 34.31 -6.44
C CYS D 95 -2.61 33.31 -5.59
N LYS D 96 -3.29 32.37 -4.93
CA LYS D 96 -2.59 31.36 -4.13
C LYS D 96 -3.03 29.95 -4.57
N PRO D 97 -2.21 29.29 -5.39
CA PRO D 97 -2.59 27.95 -5.81
C PRO D 97 -2.30 26.99 -4.67
N SER D 98 -3.17 26.02 -4.40
CA SER D 98 -2.89 25.08 -3.32
C SER D 98 -2.93 23.65 -3.87
N LEU D 99 -1.86 22.90 -3.63
CA LEU D 99 -1.71 21.51 -4.12
C LEU D 99 -2.75 20.62 -3.49
N ARG D 100 -3.56 19.96 -4.31
CA ARG D 100 -4.72 19.16 -3.88
C ARG D 100 -4.31 17.76 -3.42
N TYR D 101 -3.32 17.15 -4.08
CA TYR D 101 -2.82 15.80 -3.80
C TYR D 101 -1.29 15.89 -3.88
N GLY D 102 -0.56 15.22 -2.99
CA GLY D 102 0.90 15.23 -3.04
C GLY D 102 1.34 14.31 -4.20
N LEU D 103 2.31 14.71 -5.00
CA LEU D 103 2.76 13.89 -6.13
C LEU D 103 4.19 14.35 -6.47
N PRO D 104 5.08 13.40 -6.78
CA PRO D 104 6.43 13.89 -7.13
C PRO D 104 6.33 14.70 -8.41
N GLY D 105 7.07 15.81 -8.44
CA GLY D 105 7.11 16.79 -9.54
C GLY D 105 6.06 17.88 -9.38
N CYS D 106 5.40 17.90 -8.23
CA CYS D 106 4.39 18.91 -7.98
C CYS D 106 4.80 19.72 -6.75
N PRO D 107 5.40 20.91 -6.94
CA PRO D 107 5.83 21.73 -5.82
C PRO D 107 4.73 22.54 -5.14
N ILE D 108 5.02 22.94 -3.91
CA ILE D 108 4.13 23.83 -3.20
C ILE D 108 4.47 25.22 -3.77
N ILE D 109 3.46 25.96 -4.20
CA ILE D 109 3.68 27.29 -4.78
C ILE D 109 3.58 28.40 -3.75
N PRO D 110 4.62 29.22 -3.59
CA PRO D 110 4.50 30.28 -2.58
C PRO D 110 3.89 31.52 -3.20
N TRP D 111 3.57 32.48 -2.35
CA TRP D 111 3.03 33.77 -2.77
C TRP D 111 3.92 34.41 -3.85
N GLY D 112 3.29 35.09 -4.81
CA GLY D 112 4.04 35.76 -5.87
C GLY D 112 3.99 37.27 -5.59
N GLN D 113 4.24 38.08 -6.63
CA GLN D 113 4.23 39.54 -6.50
C GLN D 113 2.84 40.15 -6.48
N GLY D 114 1.81 39.42 -6.93
CA GLY D 114 0.49 40.01 -6.94
C GLY D 114 0.27 41.02 -8.08
N THR D 115 -0.86 41.63 -8.15
CA THR D 115 -1.22 42.69 -9.11
C THR D 115 -1.96 43.80 -8.44
N GLN D 116 -1.79 45.03 -8.86
CA GLN D 116 -2.57 46.12 -8.32
C GLN D 116 -3.88 46.40 -9.02
N VAL D 117 -4.95 46.55 -8.22
CA VAL D 117 -6.28 46.87 -8.71
C VAL D 117 -6.72 48.17 -8.03
N THR D 118 -6.94 49.22 -8.83
CA THR D 118 -7.36 50.49 -8.26
C THR D 118 -8.68 50.90 -8.88
N VAL D 119 -9.67 51.18 -8.05
CA VAL D 119 -10.96 51.63 -8.55
C VAL D 119 -11.10 53.09 -8.15
N SER D 120 -11.30 53.94 -9.11
CA SER D 120 -11.42 55.40 -8.86
C SER D 120 -12.73 55.77 -8.26
N SER D 121 -12.91 56.90 -7.38
CA SER D 121 -14.46 57.15 -7.31
C SER D 121 -14.61 57.21 -8.80
#